data_5VHV
#
_entry.id   5VHV
#
_cell.length_a   198.373
_cell.length_b   198.373
_cell.length_c   60.189
_cell.angle_alpha   90.000
_cell.angle_beta   90.000
_cell.angle_gamma   120.000
#
_symmetry.space_group_name_H-M   'P 61'
#
loop_
_entity.id
_entity.type
_entity.pdbx_description
1 polymer 'alkylpurine DNA glycosylase AlkC'
2 polymer "DNA (5'-D(*TP*GP*TP*CP*CP*AP*(NRI)P*GP*TP*CP*T)-3')"
3 polymer "DNA (5'-D(*AP*AP*GP*AP*CP*TP*TP*GP*GP*AP*C)-3')"
4 non-polymer GLYCEROL
5 non-polymer '2-(N-MORPHOLINO)-ETHANESULFONIC ACID'
6 non-polymer 'SODIUM ION'
7 non-polymer (2R,5R,13R,16R)-9-(hydroxymethyl)-9-{[(2R)-2-hydroxypropoxy]methyl}-5,13-dimethyl-4,7,11,14-tetraoxaheptadecane-2,16-diol
8 water water
#
loop_
_entity_poly.entity_id
_entity_poly.type
_entity_poly.pdbx_seq_one_letter_code
_entity_poly.pdbx_strand_id
1 'polypeptide(L)'
;AAPALKEIFNVERLQHIASEMTAVYPAFDAKGFLKHAKAGLAELSVMQRMARVSESLHAVIPLDYPQTLTLLYALAPRLN
SGFVSLFLPHYVASYGRDDFKRSMAALKYFTTFGSAEFAIRHFLLHDFQRTLAVMQAWSQDDNEHVRRLASEGSRPRLPW
SFRLAEVQADPELCASILDHLKADSSLYVRKSVANHLNDITKDHPEWVLSLIEGWNLENPHTAWIARHALRSLIKQGNTR
ALTLMGAGAKAEVKIHHLMVTPAVINLGERINLSFTLESTAPAPQKLVVDYAIDYVKSTGHGAAKVFKLKAFSLGAGAQQ
HIRREQHIRDMTTRKHYPGRHVVHVLVNGERLGSAEFELRA
;
A,B
2 'polydeoxyribonucleotide' (DT)(DG)(DT)(DC)(DC)(DA)(NRI)(DG)(DT)(DC)(DT) C,E
3 'polydeoxyribonucleotide' (DA)(DA)(DG)(DA)(DC)(DT)(DT)(DG)(DG)(DA)(DC) D,F
#
loop_
_chem_comp.id
_chem_comp.type
_chem_comp.name
_chem_comp.formula
9B4 non-polymer (2R,5R,13R,16R)-9-(hydroxymethyl)-9-{[(2R)-2-hydroxypropoxy]methyl}-5,13-dimethyl-4,7,11,14-tetraoxaheptadecane-2,16-diol 'C20 H42 O9'
DA DNA linking 2'-DEOXYADENOSINE-5'-MONOPHOSPHATE 'C10 H14 N5 O6 P'
DC DNA linking 2'-DEOXYCYTIDINE-5'-MONOPHOSPHATE 'C9 H14 N3 O7 P'
DG DNA linking 2'-DEOXYGUANOSINE-5'-MONOPHOSPHATE 'C10 H14 N5 O7 P'
DT DNA linking THYMIDINE-5'-MONOPHOSPHATE 'C10 H15 N2 O8 P'
GOL non-polymer GLYCEROL 'C3 H8 O3'
MES non-polymer '2-(N-MORPHOLINO)-ETHANESULFONIC ACID' 'C6 H13 N O4 S'
NA non-polymer 'SODIUM ION' 'Na 1'
NRI DNA linking 'PHOSPHORIC ACID MONO-(4-HYDROXY-PYRROLIDIN-3-YLMETHYL) ESTER' 'C5 H12 N O5 P'
#
# COMPACT_ATOMS: atom_id res chain seq x y z
N ALA A 1 -2.27 -3.44 -32.56
CA ALA A 1 -2.71 -3.94 -31.25
C ALA A 1 -3.27 -2.83 -30.37
N ALA A 2 -4.45 -3.06 -29.79
CA ALA A 2 -5.02 -2.09 -28.88
C ALA A 2 -4.09 -1.91 -27.67
N PRO A 3 -4.14 -0.75 -27.01
CA PRO A 3 -3.40 -0.62 -25.75
C PRO A 3 -3.84 -1.71 -24.78
N ALA A 4 -2.91 -2.14 -23.94
CA ALA A 4 -3.25 -3.12 -22.92
C ALA A 4 -4.27 -2.54 -21.95
N LEU A 5 -5.05 -3.43 -21.34
CA LEU A 5 -6.06 -2.97 -20.40
C LEU A 5 -5.45 -2.17 -19.24
N LYS A 6 -4.23 -2.50 -18.82
CA LYS A 6 -3.66 -1.78 -17.69
C LYS A 6 -3.53 -0.28 -17.98
N GLU A 7 -3.52 0.13 -19.25
CA GLU A 7 -3.39 1.55 -19.55
C GLU A 7 -4.67 2.32 -19.21
N ILE A 8 -5.74 1.63 -18.86
CA ILE A 8 -6.91 2.33 -18.33
C ILE A 8 -6.53 3.07 -17.05
N PHE A 9 -5.58 2.53 -16.28
CA PHE A 9 -5.02 3.21 -15.12
C PHE A 9 -3.64 3.81 -15.45
N ASN A 10 -3.60 4.66 -16.49
CA ASN A 10 -2.36 5.34 -16.83
C ASN A 10 -2.26 6.64 -16.02
N VAL A 11 -1.17 7.39 -16.23
CA VAL A 11 -0.95 8.58 -15.39
C VAL A 11 -2.06 9.59 -15.63
N GLU A 12 -2.50 9.72 -16.87
CA GLU A 12 -3.59 10.64 -17.18
C GLU A 12 -4.84 10.31 -16.37
N ARG A 13 -5.17 9.02 -16.23
CA ARG A 13 -6.31 8.63 -15.40
C ARG A 13 -6.07 8.94 -13.92
N LEU A 14 -4.86 8.70 -13.42
CA LEU A 14 -4.58 9.04 -12.03
C LEU A 14 -4.73 10.55 -11.81
N GLN A 15 -4.32 11.36 -12.78
CA GLN A 15 -4.50 12.80 -12.67
C GLN A 15 -5.98 13.16 -12.65
N HIS A 16 -6.79 12.47 -13.45
CA HIS A 16 -8.23 12.70 -13.43
C HIS A 16 -8.83 12.35 -12.07
N ILE A 17 -8.42 11.22 -11.50
CA ILE A 17 -8.90 10.83 -10.18
C ILE A 17 -8.54 11.90 -9.16
N ALA A 18 -7.28 12.36 -9.19
CA ALA A 18 -6.84 13.37 -8.24
C ALA A 18 -7.64 14.67 -8.41
N SER A 19 -7.89 15.08 -9.65
CA SER A 19 -8.63 16.32 -9.87
C SER A 19 -10.06 16.22 -9.35
N GLU A 20 -10.71 15.07 -9.57
CA GLU A 20 -12.06 14.92 -9.07
C GLU A 20 -12.07 14.77 -7.55
N MET A 21 -11.03 14.18 -6.97
CA MET A 21 -10.93 14.15 -5.52
C MET A 21 -10.79 15.56 -4.94
N THR A 22 -9.97 16.40 -5.58
CA THR A 22 -9.86 17.79 -5.15
C THR A 22 -11.20 18.49 -5.25
N ALA A 23 -12.00 18.16 -6.26
CA ALA A 23 -13.29 18.80 -6.41
C ALA A 23 -14.21 18.48 -5.24
N VAL A 24 -14.18 17.23 -4.74
CA VAL A 24 -15.04 16.87 -3.60
C VAL A 24 -14.38 17.20 -2.26
N TYR A 25 -13.07 17.42 -2.26
CA TYR A 25 -12.30 17.55 -1.02
C TYR A 25 -11.17 18.54 -1.28
N PRO A 26 -11.44 19.83 -1.11
CA PRO A 26 -10.47 20.85 -1.56
C PRO A 26 -9.09 20.69 -0.95
N ALA A 27 -8.98 20.21 0.29
CA ALA A 27 -7.69 20.05 0.96
C ALA A 27 -6.99 18.73 0.58
N PHE A 28 -7.49 18.01 -0.40
CA PHE A 28 -6.90 16.74 -0.80
C PHE A 28 -5.42 16.90 -1.16
N ASP A 29 -4.60 15.97 -0.67
CA ASP A 29 -3.17 15.96 -0.99
C ASP A 29 -2.97 15.28 -2.34
N ALA A 30 -3.31 16.01 -3.41
CA ALA A 30 -3.22 15.42 -4.74
C ALA A 30 -1.78 15.08 -5.09
N LYS A 31 -0.84 15.95 -4.72
CA LYS A 31 0.56 15.71 -5.03
C LYS A 31 1.06 14.44 -4.35
N GLY A 32 0.69 14.24 -3.08
CA GLY A 32 1.07 13.03 -2.38
C GLY A 32 0.41 11.80 -2.95
N PHE A 33 -0.86 11.93 -3.37
CA PHE A 33 -1.57 10.82 -3.98
C PHE A 33 -0.87 10.37 -5.25
N LEU A 34 -0.53 11.33 -6.11
CA LEU A 34 0.10 10.99 -7.38
C LEU A 34 1.48 10.38 -7.16
N LYS A 35 2.27 10.94 -6.23
CA LYS A 35 3.57 10.37 -5.94
C LYS A 35 3.45 8.91 -5.51
N HIS A 36 2.49 8.63 -4.62
CA HIS A 36 2.30 7.28 -4.09
C HIS A 36 1.80 6.33 -5.18
N ALA A 37 0.83 6.77 -5.98
CA ALA A 37 0.23 5.90 -6.98
C ALA A 37 1.18 5.58 -8.13
N LYS A 38 2.07 6.52 -8.48
CA LYS A 38 2.88 6.38 -9.68
C LYS A 38 4.11 5.51 -9.49
N ALA A 39 4.48 5.20 -8.24
CA ALA A 39 5.75 4.52 -7.99
C ALA A 39 5.70 3.11 -8.55
N GLY A 40 6.53 2.83 -9.56
CA GLY A 40 6.53 1.52 -10.19
C GLY A 40 5.31 1.22 -11.05
N LEU A 41 4.60 2.25 -11.49
CA LEU A 41 3.34 2.04 -12.23
C LEU A 41 3.51 1.09 -13.41
N ALA A 42 4.60 1.26 -14.17
CA ALA A 42 4.82 0.43 -15.35
C ALA A 42 4.91 -1.06 -15.00
N GLU A 43 5.32 -1.39 -13.78
CA GLU A 43 5.40 -2.76 -13.32
C GLU A 43 4.07 -3.31 -12.83
N LEU A 44 3.03 -2.49 -12.76
CA LEU A 44 1.76 -2.92 -12.19
C LEU A 44 0.81 -3.42 -13.28
N SER A 45 0.20 -4.55 -13.01
CA SER A 45 -0.90 -5.05 -13.84
C SER A 45 -2.15 -4.23 -13.58
N VAL A 46 -3.20 -4.48 -14.38
CA VAL A 46 -4.40 -3.65 -14.24
C VAL A 46 -5.01 -3.79 -12.84
N MET A 47 -5.08 -5.00 -12.29
CA MET A 47 -5.70 -5.10 -10.97
C MET A 47 -4.76 -4.64 -9.84
N GLN A 48 -3.44 -4.70 -10.06
CA GLN A 48 -2.51 -4.06 -9.13
C GLN A 48 -2.70 -2.54 -9.13
N ARG A 49 -2.93 -1.95 -10.31
CA ARG A 49 -3.14 -0.50 -10.39
C ARG A 49 -4.44 -0.11 -9.70
N MET A 50 -5.50 -0.88 -9.93
CA MET A 50 -6.78 -0.63 -9.28
C MET A 50 -6.61 -0.62 -7.76
N ALA A 51 -5.93 -1.63 -7.23
CA ALA A 51 -5.71 -1.67 -5.79
C ALA A 51 -4.83 -0.51 -5.33
N ARG A 52 -3.82 -0.18 -6.13
CA ARG A 52 -2.89 0.90 -5.78
C ARG A 52 -3.63 2.22 -5.58
N VAL A 53 -4.63 2.52 -6.42
CA VAL A 53 -5.35 3.78 -6.27
C VAL A 53 -6.00 3.87 -4.89
N SER A 54 -6.64 2.78 -4.46
CA SER A 54 -7.26 2.75 -3.15
C SER A 54 -6.24 2.91 -2.03
N GLU A 55 -5.10 2.21 -2.14
CA GLU A 55 -4.05 2.33 -1.14
C GLU A 55 -3.49 3.74 -1.09
N SER A 56 -3.32 4.36 -2.25
CA SER A 56 -2.75 5.70 -2.29
C SER A 56 -3.70 6.70 -1.64
N LEU A 57 -5.00 6.55 -1.90
CA LEU A 57 -5.97 7.41 -1.23
C LEU A 57 -5.88 7.23 0.28
N HIS A 58 -5.85 5.98 0.75
CA HIS A 58 -5.76 5.74 2.18
C HIS A 58 -4.48 6.32 2.78
N ALA A 59 -3.40 6.30 2.01
CA ALA A 59 -2.11 6.76 2.55
C ALA A 59 -2.08 8.27 2.77
N VAL A 60 -2.84 9.06 2.00
CA VAL A 60 -2.69 10.50 2.02
C VAL A 60 -3.89 11.25 2.59
N ILE A 61 -5.00 10.59 2.87
CA ILE A 61 -6.22 11.26 3.32
C ILE A 61 -6.23 11.25 4.85
N PRO A 62 -6.21 12.40 5.52
CA PRO A 62 -6.12 12.39 6.98
C PRO A 62 -7.46 12.31 7.69
N LEU A 63 -8.39 11.58 7.12
CA LEU A 63 -9.73 11.44 7.67
C LEU A 63 -9.96 9.99 8.06
N ASP A 64 -10.95 9.77 8.91
CA ASP A 64 -11.26 8.40 9.31
C ASP A 64 -12.09 7.71 8.22
N TYR A 65 -12.47 6.47 8.51
CA TYR A 65 -13.14 5.67 7.49
C TYR A 65 -14.51 6.22 7.12
N PRO A 66 -15.42 6.48 8.06
CA PRO A 66 -16.71 7.07 7.64
C PRO A 66 -16.55 8.39 6.90
N GLN A 67 -15.64 9.25 7.34
CA GLN A 67 -15.44 10.54 6.66
C GLN A 67 -14.91 10.33 5.25
N THR A 68 -13.97 9.40 5.08
CA THR A 68 -13.47 9.14 3.73
C THR A 68 -14.58 8.56 2.85
N LEU A 69 -15.42 7.67 3.41
CA LEU A 69 -16.51 7.11 2.61
C LEU A 69 -17.43 8.22 2.09
N THR A 70 -17.70 9.22 2.92
CA THR A 70 -18.52 10.34 2.47
C THR A 70 -17.92 10.98 1.21
N LEU A 71 -16.60 11.19 1.21
CA LEU A 71 -15.96 11.75 0.01
C LEU A 71 -16.09 10.80 -1.17
N LEU A 72 -15.91 9.50 -0.94
CA LEU A 72 -15.93 8.56 -2.04
C LEU A 72 -17.34 8.39 -2.62
N TYR A 73 -18.38 8.52 -1.79
CA TYR A 73 -19.74 8.58 -2.32
C TYR A 73 -19.88 9.71 -3.32
N ALA A 74 -19.31 10.89 -3.00
CA ALA A 74 -19.42 12.02 -3.92
C ALA A 74 -18.52 11.83 -5.13
N LEU A 75 -17.40 11.11 -4.97
CA LEU A 75 -16.48 10.90 -6.08
C LEU A 75 -17.09 9.98 -7.13
N ALA A 76 -17.90 9.00 -6.71
CA ALA A 76 -18.32 7.95 -7.64
C ALA A 76 -18.96 8.48 -8.92
N PRO A 77 -19.95 9.39 -8.89
CA PRO A 77 -20.53 9.87 -10.15
C PRO A 77 -19.62 10.77 -10.98
N ARG A 78 -18.51 11.25 -10.44
CA ARG A 78 -17.58 12.09 -11.17
C ARG A 78 -16.57 11.30 -11.99
N LEU A 79 -16.44 9.99 -11.75
CA LEU A 79 -15.48 9.18 -12.47
C LEU A 79 -15.98 8.84 -13.87
N ASN A 80 -15.07 8.86 -14.84
CA ASN A 80 -15.40 8.68 -16.25
C ASN A 80 -15.29 7.24 -16.74
N SER A 81 -15.17 6.27 -15.83
CA SER A 81 -15.01 4.86 -16.22
C SER A 81 -15.58 3.94 -15.15
N GLY A 82 -16.41 2.99 -15.58
CA GLY A 82 -16.96 2.00 -14.66
C GLY A 82 -15.90 1.00 -14.18
N PHE A 83 -14.97 0.63 -15.06
CA PHE A 83 -13.89 -0.26 -14.65
C PHE A 83 -12.97 0.44 -13.64
N VAL A 84 -12.63 1.70 -13.89
CA VAL A 84 -11.80 2.43 -12.94
C VAL A 84 -12.47 2.49 -11.58
N SER A 85 -13.81 2.59 -11.55
CA SER A 85 -14.55 2.70 -10.31
C SER A 85 -14.44 1.47 -9.42
N LEU A 86 -13.87 0.37 -9.91
CA LEU A 86 -13.61 -0.79 -9.03
C LEU A 86 -12.77 -0.43 -7.81
N PHE A 87 -11.98 0.65 -7.83
CA PHE A 87 -11.19 0.94 -6.64
C PHE A 87 -12.06 1.38 -5.47
N LEU A 88 -13.29 1.83 -5.73
CA LEU A 88 -14.15 2.26 -4.63
C LEU A 88 -14.58 1.06 -3.78
N PRO A 89 -15.18 0.01 -4.33
CA PRO A 89 -15.43 -1.18 -3.50
C PRO A 89 -14.15 -1.77 -2.93
N HIS A 90 -13.03 -1.68 -3.64
CA HIS A 90 -11.78 -2.18 -3.09
C HIS A 90 -11.42 -1.47 -1.79
N TYR A 91 -11.61 -0.14 -1.76
CA TYR A 91 -11.34 0.62 -0.54
C TYR A 91 -12.18 0.09 0.62
N VAL A 92 -13.44 -0.23 0.34
CA VAL A 92 -14.33 -0.74 1.39
C VAL A 92 -13.84 -2.09 1.91
N ALA A 93 -13.49 -2.99 0.99
CA ALA A 93 -13.00 -4.31 1.43
C ALA A 93 -11.69 -4.20 2.19
N SER A 94 -10.84 -3.22 1.84
CA SER A 94 -9.54 -3.07 2.47
C SER A 94 -9.67 -2.51 3.88
N TYR A 95 -10.48 -1.46 4.05
CA TYR A 95 -10.46 -0.65 5.27
C TYR A 95 -11.76 -0.71 6.07
N GLY A 96 -12.77 -1.43 5.59
CA GLY A 96 -14.08 -1.46 6.18
C GLY A 96 -14.46 -2.71 6.95
N ARG A 97 -13.50 -3.59 7.25
CA ARG A 97 -13.81 -4.89 7.86
C ARG A 97 -14.45 -4.77 9.24
N ASP A 98 -14.09 -3.74 10.01
CA ASP A 98 -14.63 -3.54 11.37
C ASP A 98 -15.75 -2.52 11.42
N ASP A 99 -16.37 -2.22 10.28
CA ASP A 99 -17.52 -1.33 10.21
C ASP A 99 -18.45 -1.98 9.17
N PHE A 100 -18.95 -3.17 9.54
CA PHE A 100 -19.61 -4.06 8.59
C PHE A 100 -20.84 -3.42 7.96
N LYS A 101 -21.75 -2.89 8.78
CA LYS A 101 -23.00 -2.44 8.21
C LYS A 101 -22.78 -1.24 7.29
N ARG A 102 -21.90 -0.34 7.69
CA ARG A 102 -21.59 0.79 6.82
C ARG A 102 -20.95 0.32 5.53
N SER A 103 -20.06 -0.67 5.62
CA SER A 103 -19.39 -1.19 4.44
C SER A 103 -20.36 -1.88 3.48
N MET A 104 -21.32 -2.63 4.03
CA MET A 104 -22.32 -3.24 3.16
C MET A 104 -23.13 -2.19 2.42
N ALA A 105 -23.52 -1.12 3.12
CA ALA A 105 -24.27 -0.07 2.48
C ALA A 105 -23.45 0.60 1.39
N ALA A 106 -22.14 0.78 1.67
CA ALA A 106 -21.24 1.35 0.67
C ALA A 106 -21.11 0.46 -0.57
N LEU A 107 -20.99 -0.85 -0.39
CA LEU A 107 -20.87 -1.73 -1.55
C LEU A 107 -22.15 -1.70 -2.38
N LYS A 108 -23.29 -1.64 -1.69
CA LYS A 108 -24.56 -1.62 -2.43
C LYS A 108 -24.66 -0.35 -3.26
N TYR A 109 -24.17 0.75 -2.72
CA TYR A 109 -24.15 2.02 -3.45
C TYR A 109 -23.15 1.99 -4.60
N PHE A 110 -21.91 1.60 -4.31
CA PHE A 110 -20.84 1.62 -5.33
C PHE A 110 -21.07 0.63 -6.47
N THR A 111 -21.78 -0.48 -6.23
CA THR A 111 -21.84 -1.52 -7.24
C THR A 111 -22.56 -1.05 -8.50
N THR A 112 -23.44 -0.05 -8.41
CA THR A 112 -24.07 0.48 -9.61
C THR A 112 -23.10 1.28 -10.50
N PHE A 113 -22.03 1.80 -9.93
CA PHE A 113 -21.05 2.57 -10.69
C PHE A 113 -20.00 1.69 -11.33
N GLY A 114 -19.81 0.50 -10.81
CA GLY A 114 -19.05 -0.50 -11.54
C GLY A 114 -19.53 -1.88 -11.13
N SER A 115 -18.85 -2.42 -10.15
CA SER A 115 -19.24 -3.70 -9.58
C SER A 115 -18.49 -3.97 -8.29
N ALA A 116 -19.21 -4.41 -7.26
CA ALA A 116 -18.62 -4.82 -5.99
C ALA A 116 -18.32 -6.31 -5.95
N GLU A 117 -18.24 -6.97 -7.11
CA GLU A 117 -18.11 -8.42 -7.15
C GLU A 117 -16.81 -8.91 -6.55
N PHE A 118 -15.72 -8.14 -6.66
CA PHE A 118 -14.45 -8.55 -6.04
C PHE A 118 -14.44 -8.23 -4.55
N ALA A 119 -14.92 -7.04 -4.19
CA ALA A 119 -14.85 -6.60 -2.79
C ALA A 119 -15.70 -7.49 -1.89
N ILE A 120 -16.89 -7.90 -2.34
CA ILE A 120 -17.78 -8.64 -1.46
C ILE A 120 -17.16 -9.99 -1.09
N ARG A 121 -16.26 -10.52 -1.93
CA ARG A 121 -15.68 -11.83 -1.66
C ARG A 121 -14.73 -11.80 -0.47
N HIS A 122 -14.09 -10.66 -0.19
CA HIS A 122 -13.29 -10.56 1.03
C HIS A 122 -14.17 -10.70 2.26
N PHE A 123 -15.38 -10.15 2.20
CA PHE A 123 -16.30 -10.27 3.32
C PHE A 123 -16.87 -11.68 3.40
N LEU A 124 -17.16 -12.31 2.25
CA LEU A 124 -17.63 -13.70 2.29
C LEU A 124 -16.55 -14.62 2.84
N LEU A 125 -15.28 -14.26 2.66
CA LEU A 125 -14.19 -15.11 3.14
C LEU A 125 -14.05 -14.99 4.66
N HIS A 126 -14.07 -13.75 5.17
CA HIS A 126 -13.80 -13.50 6.59
C HIS A 126 -15.05 -13.54 7.47
N ASP A 127 -16.23 -13.30 6.89
CA ASP A 127 -17.49 -13.18 7.63
C ASP A 127 -18.62 -13.80 6.80
N PHE A 128 -18.50 -15.09 6.52
CA PHE A 128 -19.35 -15.71 5.51
C PHE A 128 -20.83 -15.57 5.86
N GLN A 129 -21.22 -16.03 7.05
CA GLN A 129 -22.66 -16.09 7.36
C GLN A 129 -23.27 -14.69 7.40
N ARG A 130 -22.55 -13.73 7.99
CA ARG A 130 -23.04 -12.35 8.08
C ARG A 130 -23.27 -11.77 6.69
N THR A 131 -22.32 -12.02 5.79
CA THR A 131 -22.37 -11.45 4.44
C THR A 131 -23.40 -12.17 3.59
N LEU A 132 -23.51 -13.49 3.77
CA LEU A 132 -24.54 -14.25 3.04
C LEU A 132 -25.93 -13.68 3.30
N ALA A 133 -26.22 -13.31 4.55
CA ALA A 133 -27.53 -12.76 4.87
C ALA A 133 -27.79 -11.47 4.10
N VAL A 134 -26.76 -10.64 3.97
CA VAL A 134 -26.88 -9.41 3.21
C VAL A 134 -27.16 -9.71 1.75
N MET A 135 -26.41 -10.66 1.19
CA MET A 135 -26.60 -10.97 -0.22
CA MET A 135 -26.56 -11.04 -0.21
C MET A 135 -27.96 -11.59 -0.48
N GLN A 136 -28.52 -12.32 0.48
CA GLN A 136 -29.89 -12.79 0.34
C GLN A 136 -30.86 -11.63 0.25
N ALA A 137 -30.67 -10.60 1.08
CA ALA A 137 -31.52 -9.42 0.95
C ALA A 137 -31.30 -8.75 -0.42
N TRP A 138 -30.04 -8.67 -0.86
CA TRP A 138 -29.76 -8.04 -2.13
C TRP A 138 -30.41 -8.76 -3.30
N SER A 139 -30.59 -10.08 -3.19
CA SER A 139 -31.20 -10.83 -4.28
C SER A 139 -32.67 -10.47 -4.48
N GLN A 140 -33.27 -9.77 -3.53
CA GLN A 140 -34.65 -9.31 -3.60
C GLN A 140 -34.74 -7.81 -3.80
N ASP A 141 -33.63 -7.16 -4.11
CA ASP A 141 -33.61 -5.71 -4.29
C ASP A 141 -34.30 -5.29 -5.58
N ASP A 142 -34.84 -4.07 -5.60
CA ASP A 142 -35.46 -3.53 -6.81
C ASP A 142 -34.44 -3.29 -7.92
N ASN A 143 -33.18 -3.05 -7.57
CA ASN A 143 -32.17 -2.64 -8.54
C ASN A 143 -31.48 -3.85 -9.14
N GLU A 144 -31.51 -3.96 -10.46
CA GLU A 144 -30.91 -5.13 -11.12
C GLU A 144 -29.42 -5.24 -10.85
N HIS A 145 -28.72 -4.10 -10.67
CA HIS A 145 -27.29 -4.17 -10.34
C HIS A 145 -27.06 -4.83 -8.98
N VAL A 146 -27.98 -4.60 -8.04
CA VAL A 146 -27.82 -5.18 -6.71
C VAL A 146 -28.16 -6.66 -6.72
N ARG A 147 -29.20 -7.06 -7.46
CA ARG A 147 -29.50 -8.48 -7.58
C ARG A 147 -28.38 -9.22 -8.28
N ARG A 148 -27.81 -8.60 -9.32
CA ARG A 148 -26.72 -9.25 -10.04
C ARG A 148 -25.51 -9.47 -9.14
N LEU A 149 -25.19 -8.49 -8.28
CA LEU A 149 -24.12 -8.65 -7.31
C LEU A 149 -24.36 -9.87 -6.42
N ALA A 150 -25.60 -10.07 -5.97
CA ALA A 150 -25.91 -11.19 -5.08
C ALA A 150 -25.53 -12.53 -5.70
N SER A 151 -25.78 -12.69 -7.01
CA SER A 151 -25.46 -13.90 -7.74
C SER A 151 -23.98 -13.97 -8.16
N GLU A 152 -23.43 -12.86 -8.64
CA GLU A 152 -22.08 -12.89 -9.21
C GLU A 152 -21.03 -12.89 -8.11
N GLY A 153 -21.23 -12.10 -7.05
CA GLY A 153 -20.25 -12.03 -5.98
C GLY A 153 -20.10 -13.32 -5.20
N SER A 154 -21.15 -14.14 -5.19
CA SER A 154 -21.16 -15.37 -4.44
C SER A 154 -20.71 -16.56 -5.29
N ARG A 155 -20.32 -16.33 -6.53
CA ARG A 155 -19.96 -17.43 -7.43
C ARG A 155 -18.85 -18.28 -6.82
N PRO A 156 -18.90 -19.61 -6.99
CA PRO A 156 -17.76 -20.42 -6.57
C PRO A 156 -16.46 -20.00 -7.24
N ARG A 157 -16.50 -19.75 -8.55
CA ARG A 157 -15.30 -19.61 -9.38
C ARG A 157 -15.38 -18.34 -10.24
N LEU A 158 -15.48 -17.20 -9.57
CA LEU A 158 -15.49 -15.93 -10.29
C LEU A 158 -14.14 -15.65 -10.94
N PRO A 159 -14.07 -15.33 -12.23
CA PRO A 159 -12.78 -14.94 -12.80
C PRO A 159 -12.22 -13.71 -12.12
N TRP A 160 -10.89 -13.70 -11.94
CA TRP A 160 -10.11 -12.61 -11.36
C TRP A 160 -10.28 -12.48 -9.85
N SER A 161 -10.85 -13.50 -9.20
CA SER A 161 -10.89 -13.56 -7.74
C SER A 161 -10.58 -14.97 -7.30
N PHE A 162 -10.21 -15.10 -6.02
CA PHE A 162 -10.07 -16.41 -5.42
C PHE A 162 -11.40 -17.15 -5.43
N ARG A 163 -11.31 -18.47 -5.55
CA ARG A 163 -12.49 -19.31 -5.41
C ARG A 163 -13.00 -19.22 -3.98
N LEU A 164 -14.31 -19.34 -3.82
CA LEU A 164 -14.92 -19.37 -2.50
C LEU A 164 -15.10 -20.84 -2.12
N ALA A 165 -14.13 -21.38 -1.35
CA ALA A 165 -14.13 -22.81 -1.05
C ALA A 165 -15.38 -23.23 -0.29
N GLU A 166 -15.90 -22.35 0.57
CA GLU A 166 -17.07 -22.69 1.37
C GLU A 166 -18.31 -22.82 0.50
N VAL A 167 -18.47 -21.92 -0.48
CA VAL A 167 -19.56 -21.99 -1.44
C VAL A 167 -19.39 -23.20 -2.36
N GLN A 168 -18.18 -23.37 -2.87
CA GLN A 168 -17.89 -24.46 -3.80
C GLN A 168 -18.25 -25.81 -3.20
N ALA A 169 -18.04 -25.98 -1.89
CA ALA A 169 -18.27 -27.24 -1.23
C ALA A 169 -19.74 -27.51 -0.91
N ASP A 170 -20.59 -26.49 -0.91
CA ASP A 170 -21.97 -26.66 -0.46
C ASP A 170 -22.92 -25.79 -1.27
N PRO A 171 -23.47 -26.32 -2.36
CA PRO A 171 -24.42 -25.53 -3.16
C PRO A 171 -25.69 -25.12 -2.44
N GLU A 172 -26.04 -25.76 -1.31
CA GLU A 172 -27.23 -25.32 -0.61
C GLU A 172 -27.08 -23.93 0.01
N LEU A 173 -25.85 -23.42 0.18
CA LEU A 173 -25.69 -22.16 0.90
C LEU A 173 -26.33 -21.02 0.12
N CYS A 174 -26.02 -20.93 -1.17
CA CYS A 174 -26.51 -19.88 -2.05
C CYS A 174 -27.73 -20.28 -2.85
N ALA A 175 -28.31 -21.47 -2.59
CA ALA A 175 -29.42 -21.96 -3.41
C ALA A 175 -30.59 -20.99 -3.44
N SER A 176 -30.95 -20.38 -2.31
CA SER A 176 -32.15 -19.54 -2.31
C SER A 176 -31.91 -18.24 -3.07
N ILE A 177 -30.67 -17.76 -3.11
CA ILE A 177 -30.37 -16.61 -3.97
C ILE A 177 -30.68 -16.96 -5.41
N LEU A 178 -30.16 -18.10 -5.89
CA LEU A 178 -30.35 -18.44 -7.28
C LEU A 178 -31.82 -18.73 -7.57
N ASP A 179 -32.53 -19.33 -6.60
CA ASP A 179 -33.94 -19.63 -6.81
C ASP A 179 -34.75 -18.36 -6.98
N HIS A 180 -34.44 -17.32 -6.19
CA HIS A 180 -35.16 -16.06 -6.31
C HIS A 180 -34.97 -15.44 -7.68
N LEU A 181 -33.85 -15.73 -8.35
CA LEU A 181 -33.47 -15.03 -9.57
C LEU A 181 -33.68 -15.86 -10.84
N LYS A 182 -34.26 -17.08 -10.74
CA LYS A 182 -34.29 -18.02 -11.86
C LYS A 182 -35.26 -17.61 -12.96
N ALA A 183 -36.06 -16.55 -12.74
CA ALA A 183 -36.89 -15.99 -13.79
C ALA A 183 -36.75 -14.47 -13.82
N ASP A 184 -35.56 -13.97 -13.49
CA ASP A 184 -35.38 -12.52 -13.36
C ASP A 184 -35.63 -11.83 -14.69
N SER A 185 -36.23 -10.64 -14.62
CA SER A 185 -36.53 -9.86 -15.81
C SER A 185 -35.28 -9.23 -16.42
N SER A 186 -34.17 -9.18 -15.69
CA SER A 186 -32.94 -8.53 -16.13
C SER A 186 -32.02 -9.56 -16.81
N LEU A 187 -31.63 -9.29 -18.06
CA LEU A 187 -30.64 -10.13 -18.72
C LEU A 187 -29.33 -10.17 -17.95
N TYR A 188 -28.91 -9.01 -17.44
CA TYR A 188 -27.70 -8.91 -16.64
C TYR A 188 -27.73 -9.90 -15.48
N VAL A 189 -28.85 -9.94 -14.77
CA VAL A 189 -29.00 -10.90 -13.69
C VAL A 189 -29.00 -12.33 -14.24
N ARG A 190 -29.76 -12.57 -15.32
CA ARG A 190 -29.87 -13.94 -15.83
C ARG A 190 -28.52 -14.49 -16.23
N LYS A 191 -27.67 -13.67 -16.85
CA LYS A 191 -26.33 -14.12 -17.20
C LYS A 191 -25.58 -14.62 -15.98
N SER A 192 -25.65 -13.86 -14.90
CA SER A 192 -24.95 -14.20 -13.66
C SER A 192 -25.50 -15.49 -13.04
N VAL A 193 -26.82 -15.67 -13.01
CA VAL A 193 -27.36 -16.91 -12.46
C VAL A 193 -26.83 -18.09 -13.26
N ALA A 194 -26.85 -17.97 -14.58
CA ALA A 194 -26.40 -19.06 -15.44
C ALA A 194 -24.93 -19.34 -15.21
N ASN A 195 -24.12 -18.30 -15.08
CA ASN A 195 -22.69 -18.51 -14.88
C ASN A 195 -22.38 -19.09 -13.51
N HIS A 196 -23.09 -18.66 -12.47
CA HIS A 196 -22.94 -19.25 -11.15
C HIS A 196 -23.30 -20.74 -11.20
N LEU A 197 -24.41 -21.09 -11.85
CA LEU A 197 -24.77 -22.50 -11.96
C LEU A 197 -23.73 -23.29 -12.76
N ASN A 198 -23.24 -22.75 -13.88
CA ASN A 198 -22.18 -23.43 -14.62
C ASN A 198 -20.95 -23.66 -13.73
N ASP A 199 -20.55 -22.67 -12.92
CA ASP A 199 -19.50 -22.91 -11.93
C ASP A 199 -19.80 -24.16 -11.08
N ILE A 200 -21.03 -24.27 -10.59
CA ILE A 200 -21.37 -25.39 -9.70
C ILE A 200 -21.22 -26.70 -10.45
N THR A 201 -21.51 -26.71 -11.76
CA THR A 201 -21.45 -27.98 -12.47
C THR A 201 -20.03 -28.52 -12.50
N LYS A 202 -19.02 -27.69 -12.24
CA LYS A 202 -17.64 -28.19 -12.25
C LYS A 202 -17.38 -29.11 -11.05
N ASP A 203 -18.12 -28.94 -9.98
CA ASP A 203 -17.92 -29.72 -8.75
C ASP A 203 -19.13 -30.53 -8.32
N HIS A 204 -20.35 -30.10 -8.66
CA HIS A 204 -21.57 -30.81 -8.24
C HIS A 204 -22.55 -30.84 -9.39
N PRO A 205 -22.20 -31.54 -10.47
CA PRO A 205 -23.09 -31.55 -11.64
C PRO A 205 -24.46 -32.10 -11.35
N GLU A 206 -24.56 -33.20 -10.59
CA GLU A 206 -25.86 -33.80 -10.33
C GLU A 206 -26.77 -32.86 -9.57
N TRP A 207 -26.20 -32.03 -8.69
CA TRP A 207 -27.01 -31.08 -7.94
C TRP A 207 -27.67 -30.07 -8.87
N VAL A 208 -26.91 -29.54 -9.83
CA VAL A 208 -27.47 -28.61 -10.80
C VAL A 208 -28.51 -29.30 -11.68
N LEU A 209 -28.22 -30.53 -12.12
CA LEU A 209 -29.16 -31.25 -12.97
C LEU A 209 -30.47 -31.49 -12.24
N SER A 210 -30.39 -31.96 -10.99
CA SER A 210 -31.60 -32.16 -10.21
C SER A 210 -32.36 -30.86 -10.03
N LEU A 211 -31.64 -29.77 -9.73
CA LEU A 211 -32.28 -28.47 -9.56
C LEU A 211 -33.07 -28.08 -10.80
N ILE A 212 -32.42 -28.11 -11.96
CA ILE A 212 -33.07 -27.62 -13.17
C ILE A 212 -34.15 -28.59 -13.63
N GLU A 213 -34.04 -29.87 -13.28
CA GLU A 213 -35.13 -30.79 -13.55
C GLU A 213 -36.40 -30.42 -12.77
N GLY A 214 -36.29 -29.57 -11.74
CA GLY A 214 -37.45 -29.08 -11.02
C GLY A 214 -37.97 -27.75 -11.52
N TRP A 215 -37.33 -27.18 -12.53
CA TRP A 215 -37.68 -25.86 -13.03
C TRP A 215 -38.74 -25.94 -14.10
N ASN A 216 -39.45 -24.84 -14.28
CA ASN A 216 -40.44 -24.70 -15.34
C ASN A 216 -39.76 -24.05 -16.55
N LEU A 217 -39.39 -24.86 -17.52
CA LEU A 217 -38.66 -24.34 -18.67
C LEU A 217 -39.57 -23.78 -19.74
N GLU A 218 -40.89 -23.73 -19.49
CA GLU A 218 -41.78 -22.99 -20.37
C GLU A 218 -41.64 -21.49 -20.18
N ASN A 219 -41.08 -21.05 -19.06
CA ASN A 219 -40.72 -19.66 -18.89
C ASN A 219 -39.45 -19.37 -19.68
N PRO A 220 -39.48 -18.50 -20.70
CA PRO A 220 -38.31 -18.36 -21.58
C PRO A 220 -37.08 -17.81 -20.88
N HIS A 221 -37.26 -17.01 -19.83
CA HIS A 221 -36.12 -16.54 -19.05
C HIS A 221 -35.44 -17.70 -18.35
N THR A 222 -36.24 -18.56 -17.72
CA THR A 222 -35.69 -19.73 -17.03
C THR A 222 -35.08 -20.71 -18.00
N ALA A 223 -35.72 -20.94 -19.16
CA ALA A 223 -35.14 -21.80 -20.19
C ALA A 223 -33.78 -21.29 -20.64
N TRP A 224 -33.64 -19.98 -20.83
CA TRP A 224 -32.38 -19.43 -21.26
C TRP A 224 -31.30 -19.64 -20.21
N ILE A 225 -31.64 -19.39 -18.94
CA ILE A 225 -30.69 -19.66 -17.85
C ILE A 225 -30.28 -21.12 -17.87
N ALA A 226 -31.24 -22.03 -18.05
CA ALA A 226 -30.93 -23.44 -18.05
C ALA A 226 -29.93 -23.79 -19.14
N ARG A 227 -30.15 -23.30 -20.37
CA ARG A 227 -29.26 -23.65 -21.46
C ARG A 227 -27.84 -23.17 -21.19
N HIS A 228 -27.67 -21.98 -20.63
CA HIS A 228 -26.34 -21.45 -20.41
C HIS A 228 -25.71 -21.98 -19.13
N ALA A 229 -26.53 -22.34 -18.14
CA ALA A 229 -26.04 -22.99 -16.93
C ALA A 229 -25.44 -24.35 -17.26
N LEU A 230 -26.08 -25.07 -18.18
CA LEU A 230 -25.74 -26.44 -18.50
C LEU A 230 -24.74 -26.54 -19.64
N ARG A 231 -24.18 -25.42 -20.08
CA ARG A 231 -23.40 -25.42 -21.33
C ARG A 231 -22.18 -26.33 -21.25
N SER A 232 -21.54 -26.45 -20.10
CA SER A 232 -20.38 -27.33 -20.00
C SER A 232 -20.82 -28.79 -20.01
N LEU A 233 -21.89 -29.12 -19.28
CA LEU A 233 -22.38 -30.49 -19.29
C LEU A 233 -22.89 -30.90 -20.67
N ILE A 234 -23.48 -29.96 -21.41
CA ILE A 234 -23.94 -30.28 -22.76
C ILE A 234 -22.76 -30.62 -23.65
N LYS A 235 -21.67 -29.85 -23.56
CA LYS A 235 -20.48 -30.15 -24.35
C LYS A 235 -19.89 -31.50 -23.97
N GLN A 236 -19.99 -31.88 -22.70
CA GLN A 236 -19.53 -33.18 -22.22
C GLN A 236 -20.44 -34.32 -22.66
N GLY A 237 -21.57 -34.01 -23.29
CA GLY A 237 -22.47 -35.08 -23.72
C GLY A 237 -23.32 -35.64 -22.61
N ASN A 238 -23.52 -34.89 -21.53
CA ASN A 238 -24.30 -35.37 -20.40
C ASN A 238 -25.75 -35.60 -20.83
N THR A 239 -26.26 -36.83 -20.63
CA THR A 239 -27.59 -37.18 -21.14
C THR A 239 -28.70 -36.40 -20.44
N ARG A 240 -28.59 -36.25 -19.12
CA ARG A 240 -29.60 -35.49 -18.38
C ARG A 240 -29.65 -34.05 -18.85
N ALA A 241 -28.49 -33.45 -19.08
CA ALA A 241 -28.45 -32.07 -19.57
C ALA A 241 -29.01 -31.96 -20.98
N LEU A 242 -28.59 -32.86 -21.89
CA LEU A 242 -29.15 -32.83 -23.24
C LEU A 242 -30.66 -33.04 -23.22
N THR A 243 -31.15 -33.90 -22.32
CA THR A 243 -32.57 -34.17 -22.24
C THR A 243 -33.33 -32.91 -21.84
N LEU A 244 -32.77 -32.13 -20.92
CA LEU A 244 -33.40 -30.86 -20.56
C LEU A 244 -33.49 -29.93 -21.76
N MET A 245 -32.57 -30.04 -22.71
CA MET A 245 -32.60 -29.24 -23.92
C MET A 245 -33.43 -29.86 -25.04
N GLY A 246 -34.08 -30.99 -24.78
CA GLY A 246 -34.86 -31.66 -25.80
C GLY A 246 -34.07 -32.46 -26.81
N ALA A 247 -32.78 -32.68 -26.55
CA ALA A 247 -31.87 -33.36 -27.46
C ALA A 247 -31.17 -34.53 -26.78
N GLY A 248 -31.85 -35.22 -25.89
CA GLY A 248 -31.26 -36.33 -25.19
C GLY A 248 -31.37 -37.66 -25.90
N ALA A 249 -32.33 -37.80 -26.82
CA ALA A 249 -32.50 -39.04 -27.54
C ALA A 249 -31.37 -39.24 -28.54
N LYS A 250 -30.99 -40.50 -28.76
CA LYS A 250 -30.02 -40.79 -29.80
C LYS A 250 -30.52 -40.24 -31.13
N ALA A 251 -29.61 -39.65 -31.89
CA ALA A 251 -30.01 -39.04 -33.14
C ALA A 251 -30.31 -40.11 -34.17
N GLU A 252 -31.48 -39.99 -34.81
CA GLU A 252 -31.86 -40.90 -35.89
C GLU A 252 -31.43 -40.25 -37.19
N VAL A 253 -30.14 -40.41 -37.50
CA VAL A 253 -29.52 -39.74 -38.63
C VAL A 253 -28.40 -40.62 -39.19
N LYS A 254 -28.05 -40.35 -40.45
CA LYS A 254 -26.82 -40.84 -41.06
C LYS A 254 -25.92 -39.66 -41.35
N ILE A 255 -24.62 -39.84 -41.24
CA ILE A 255 -23.64 -38.80 -41.54
C ILE A 255 -22.97 -39.14 -42.86
N HIS A 256 -22.87 -38.14 -43.76
CA HIS A 256 -22.29 -38.33 -45.08
C HIS A 256 -21.21 -37.29 -45.34
N HIS A 257 -20.28 -37.64 -46.23
CA HIS A 257 -19.30 -36.69 -46.76
C HIS A 257 -18.37 -36.12 -45.68
N LEU A 258 -18.14 -36.81 -44.57
CA LEU A 258 -17.37 -36.20 -43.49
C LEU A 258 -15.93 -36.00 -43.94
N MET A 259 -15.43 -34.78 -43.80
CA MET A 259 -14.05 -34.54 -44.15
C MET A 259 -13.51 -33.35 -43.38
N VAL A 260 -12.20 -33.34 -43.22
CA VAL A 260 -11.46 -32.16 -42.79
C VAL A 260 -10.45 -31.86 -43.89
N THR A 261 -10.43 -30.63 -44.37
CA THR A 261 -9.50 -30.22 -45.40
C THR A 261 -8.84 -28.91 -45.00
N PRO A 262 -7.58 -28.68 -45.40
CA PRO A 262 -6.68 -29.65 -46.04
C PRO A 262 -6.26 -30.75 -45.09
N ALA A 263 -5.75 -31.86 -45.64
CA ALA A 263 -5.30 -32.97 -44.81
C ALA A 263 -4.05 -32.61 -44.01
N VAL A 264 -3.26 -31.67 -44.51
CA VAL A 264 -2.00 -31.26 -43.88
C VAL A 264 -1.91 -29.74 -43.94
N ILE A 265 -1.64 -29.11 -42.80
CA ILE A 265 -1.53 -27.65 -42.72
C ILE A 265 -0.25 -27.26 -42.01
N ASN A 266 0.22 -26.05 -42.31
CA ASN A 266 1.16 -25.36 -41.46
C ASN A 266 0.41 -24.54 -40.42
N LEU A 267 1.05 -24.32 -39.29
CA LEU A 267 0.51 -23.43 -38.29
C LEU A 267 0.22 -22.07 -38.91
N GLY A 268 -0.95 -21.54 -38.61
CA GLY A 268 -1.44 -20.31 -39.19
C GLY A 268 -2.52 -20.49 -40.23
N GLU A 269 -2.68 -21.69 -40.77
CA GLU A 269 -3.68 -21.95 -41.80
C GLU A 269 -5.03 -22.29 -41.17
N ARG A 270 -6.04 -22.40 -42.01
CA ARG A 270 -7.38 -22.82 -41.61
C ARG A 270 -7.64 -24.26 -41.98
N ILE A 271 -8.41 -24.93 -41.15
CA ILE A 271 -9.02 -26.21 -41.51
C ILE A 271 -10.50 -25.97 -41.73
N ASN A 272 -11.12 -26.89 -42.47
CA ASN A 272 -12.54 -26.83 -42.78
C ASN A 272 -13.15 -28.19 -42.45
N LEU A 273 -14.02 -28.22 -41.46
CA LEU A 273 -14.78 -29.40 -41.09
C LEU A 273 -16.12 -29.36 -41.81
N SER A 274 -16.45 -30.43 -42.54
CA SER A 274 -17.77 -30.45 -43.16
C SER A 274 -18.32 -31.86 -43.20
N PHE A 275 -19.64 -31.94 -43.17
CA PHE A 275 -20.38 -33.20 -43.28
C PHE A 275 -21.85 -32.85 -43.49
N THR A 276 -22.62 -33.88 -43.82
CA THR A 276 -24.06 -33.79 -44.04
C THR A 276 -24.75 -34.78 -43.10
N LEU A 277 -25.81 -34.32 -42.44
CA LEU A 277 -26.65 -35.18 -41.62
C LEU A 277 -27.94 -35.44 -42.37
N GLU A 278 -28.32 -36.72 -42.49
CA GLU A 278 -29.56 -37.11 -43.11
C GLU A 278 -30.46 -37.73 -42.05
N SER A 279 -31.65 -37.16 -41.86
CA SER A 279 -32.60 -37.75 -40.95
C SER A 279 -33.10 -39.08 -41.50
N THR A 280 -33.22 -40.06 -40.61
CA THR A 280 -33.86 -41.34 -40.93
C THR A 280 -35.14 -41.51 -40.14
N ALA A 281 -35.67 -40.42 -39.56
CA ALA A 281 -36.82 -40.47 -38.67
C ALA A 281 -38.08 -39.98 -39.36
N PRO A 282 -39.25 -40.46 -38.89
CA PRO A 282 -40.53 -40.04 -39.48
C PRO A 282 -41.03 -38.68 -38.99
N ALA A 283 -40.35 -38.05 -38.05
CA ALA A 283 -40.77 -36.76 -37.50
C ALA A 283 -39.53 -35.92 -37.27
N PRO A 284 -39.71 -34.61 -37.11
CA PRO A 284 -38.55 -33.74 -36.83
C PRO A 284 -37.89 -34.14 -35.52
N GLN A 285 -36.61 -33.81 -35.41
CA GLN A 285 -35.87 -34.11 -34.20
C GLN A 285 -34.92 -32.97 -33.87
N LYS A 286 -34.86 -32.64 -32.59
CA LYS A 286 -33.96 -31.61 -32.10
C LYS A 286 -32.55 -32.20 -31.96
N LEU A 287 -31.57 -31.50 -32.52
CA LEU A 287 -30.19 -31.95 -32.50
C LEU A 287 -29.29 -30.90 -31.88
N VAL A 288 -28.33 -31.37 -31.09
CA VAL A 288 -27.21 -30.57 -30.64
C VAL A 288 -25.97 -31.17 -31.32
N VAL A 289 -25.38 -30.40 -32.23
CA VAL A 289 -24.24 -30.83 -33.02
C VAL A 289 -23.03 -30.02 -32.59
N ASP A 290 -22.03 -30.69 -32.05
CA ASP A 290 -20.77 -30.08 -31.65
C ASP A 290 -19.63 -30.87 -32.30
N TYR A 291 -18.39 -30.43 -32.10
CA TYR A 291 -17.25 -31.22 -32.54
C TYR A 291 -16.13 -31.08 -31.52
N ALA A 292 -15.18 -32.01 -31.58
CA ALA A 292 -14.07 -31.96 -30.65
C ALA A 292 -12.76 -32.22 -31.36
N ILE A 293 -11.71 -31.56 -30.90
CA ILE A 293 -10.35 -31.80 -31.38
C ILE A 293 -9.52 -32.40 -30.28
N ASP A 294 -8.84 -33.50 -30.59
CA ASP A 294 -7.80 -34.08 -29.74
C ASP A 294 -6.49 -33.38 -30.06
N TYR A 295 -6.18 -32.30 -29.36
CA TYR A 295 -4.94 -31.58 -29.66
C TYR A 295 -3.70 -32.35 -29.21
N VAL A 296 -2.64 -32.29 -30.03
CA VAL A 296 -1.31 -32.70 -29.58
C VAL A 296 -0.75 -31.63 -28.66
N LYS A 297 -0.23 -32.05 -27.50
CA LYS A 297 0.36 -31.12 -26.54
C LYS A 297 1.86 -31.37 -26.45
N SER A 298 2.52 -30.57 -25.61
CA SER A 298 3.97 -30.69 -25.44
C SER A 298 4.36 -32.12 -25.07
N THR A 299 3.59 -32.73 -24.19
CA THR A 299 3.68 -34.15 -23.94
C THR A 299 2.27 -34.68 -24.08
N GLY A 300 2.13 -35.76 -24.85
CA GLY A 300 0.83 -36.39 -25.00
C GLY A 300 -0.19 -35.53 -25.72
N HIS A 301 -1.45 -35.68 -25.28
CA HIS A 301 -2.58 -35.04 -25.91
C HIS A 301 -3.43 -34.39 -24.82
N GLY A 302 -4.15 -33.36 -25.18
CA GLY A 302 -5.10 -32.80 -24.25
C GLY A 302 -6.39 -33.60 -24.26
N ALA A 303 -7.18 -33.46 -23.19
CA ALA A 303 -8.55 -33.96 -23.27
C ALA A 303 -9.19 -33.39 -24.53
N ALA A 304 -10.06 -34.19 -25.13
CA ALA A 304 -10.84 -33.70 -26.26
C ALA A 304 -11.42 -32.32 -25.95
N LYS A 305 -11.19 -31.36 -26.84
CA LYS A 305 -11.66 -29.99 -26.62
C LYS A 305 -12.89 -29.78 -27.51
N VAL A 306 -14.02 -29.47 -26.89
CA VAL A 306 -15.30 -29.40 -27.58
C VAL A 306 -15.60 -27.96 -27.98
N PHE A 307 -15.95 -27.79 -29.26
CA PHE A 307 -16.42 -26.52 -29.81
C PHE A 307 -17.87 -26.66 -30.25
N LYS A 308 -18.62 -25.57 -30.13
CA LYS A 308 -20.01 -25.57 -30.52
C LYS A 308 -20.15 -25.46 -32.03
N LEU A 309 -21.11 -26.17 -32.59
CA LEU A 309 -21.37 -26.06 -34.02
C LEU A 309 -22.77 -25.54 -34.31
N LYS A 310 -23.82 -26.33 -34.07
CA LYS A 310 -25.17 -25.94 -34.45
C LYS A 310 -26.17 -26.68 -33.56
N ALA A 311 -27.21 -25.97 -33.13
CA ALA A 311 -28.34 -26.59 -32.47
C ALA A 311 -29.57 -26.28 -33.30
N PHE A 312 -30.28 -27.29 -33.75
CA PHE A 312 -31.38 -27.05 -34.68
C PHE A 312 -32.29 -28.26 -34.73
N SER A 313 -33.41 -28.08 -35.42
CA SER A 313 -34.37 -29.15 -35.69
C SER A 313 -34.19 -29.62 -37.12
N LEU A 314 -34.05 -30.94 -37.29
CA LEU A 314 -33.90 -31.58 -38.59
C LEU A 314 -35.21 -32.24 -38.98
N GLY A 315 -35.78 -31.81 -40.11
CA GLY A 315 -37.05 -32.35 -40.56
C GLY A 315 -36.97 -33.83 -40.88
N ALA A 316 -38.15 -34.47 -40.89
CA ALA A 316 -38.23 -35.89 -41.20
C ALA A 316 -37.68 -36.15 -42.60
N GLY A 317 -36.73 -37.08 -42.69
CA GLY A 317 -36.09 -37.40 -43.94
C GLY A 317 -35.26 -36.29 -44.55
N ALA A 318 -35.15 -35.14 -43.89
CA ALA A 318 -34.40 -34.02 -44.44
C ALA A 318 -32.90 -34.24 -44.28
N GLN A 319 -32.12 -33.49 -45.05
CA GLN A 319 -30.68 -33.47 -44.84
C GLN A 319 -30.20 -32.05 -44.62
N GLN A 320 -29.06 -31.92 -43.96
CA GLN A 320 -28.53 -30.62 -43.59
C GLN A 320 -27.02 -30.64 -43.73
N HIS A 321 -26.48 -29.77 -44.58
CA HIS A 321 -25.04 -29.58 -44.67
C HIS A 321 -24.56 -28.77 -43.47
N ILE A 322 -23.40 -29.16 -42.95
CA ILE A 322 -22.77 -28.46 -41.84
C ILE A 322 -21.32 -28.22 -42.21
N ARG A 323 -20.82 -27.02 -41.90
CA ARG A 323 -19.48 -26.64 -42.32
C ARG A 323 -18.95 -25.64 -41.32
N ARG A 324 -17.72 -25.83 -40.87
CA ARG A 324 -17.07 -24.91 -39.95
C ARG A 324 -15.60 -24.77 -40.30
N GLU A 325 -15.17 -23.53 -40.51
CA GLU A 325 -13.77 -23.21 -40.69
C GLU A 325 -13.15 -22.85 -39.34
N GLN A 326 -11.92 -23.31 -39.09
CA GLN A 326 -11.23 -22.99 -37.84
C GLN A 326 -9.81 -22.58 -38.14
N HIS A 327 -9.38 -21.48 -37.55
CA HIS A 327 -8.07 -20.90 -37.80
C HIS A 327 -7.09 -21.45 -36.76
N ILE A 328 -6.18 -22.30 -37.21
CA ILE A 328 -5.26 -22.99 -36.30
C ILE A 328 -3.95 -22.19 -36.25
N ARG A 329 -3.75 -21.47 -35.16
CA ARG A 329 -2.57 -20.63 -35.00
C ARG A 329 -2.29 -20.50 -33.51
N ASP A 330 -1.02 -20.31 -33.17
CA ASP A 330 -0.68 -20.14 -31.76
C ASP A 330 -1.32 -18.87 -31.20
N MET A 331 -1.79 -19.01 -29.97
CA MET A 331 -2.64 -18.04 -29.29
C MET A 331 -2.17 -17.98 -27.85
N THR A 332 -2.47 -16.86 -27.19
CA THR A 332 -2.14 -16.80 -25.77
C THR A 332 -2.68 -18.01 -25.03
N THR A 333 -3.89 -18.43 -25.36
CA THR A 333 -4.54 -19.47 -24.59
C THR A 333 -4.29 -20.87 -25.14
N ARG A 334 -3.57 -21.04 -26.24
CA ARG A 334 -3.32 -22.38 -26.76
C ARG A 334 -2.09 -22.36 -27.67
N LYS A 335 -1.04 -23.08 -27.26
CA LYS A 335 0.09 -23.39 -28.13
C LYS A 335 -0.14 -24.74 -28.79
N HIS A 336 0.33 -24.87 -30.03
CA HIS A 336 0.12 -26.08 -30.81
C HIS A 336 1.44 -26.80 -31.03
N TYR A 337 1.30 -28.10 -31.29
CA TYR A 337 2.43 -29.01 -31.43
C TYR A 337 2.17 -29.90 -32.64
N PRO A 338 3.21 -30.25 -33.38
CA PRO A 338 3.00 -30.95 -34.66
C PRO A 338 2.53 -32.38 -34.46
N GLY A 339 1.76 -32.87 -35.43
CA GLY A 339 1.34 -34.25 -35.49
C GLY A 339 -0.12 -34.37 -35.88
N ARG A 340 -0.62 -35.59 -35.69
CA ARG A 340 -1.98 -35.96 -36.08
C ARG A 340 -2.98 -35.40 -35.09
N HIS A 341 -3.91 -34.61 -35.59
CA HIS A 341 -5.00 -34.03 -34.81
C HIS A 341 -6.30 -34.69 -35.27
N VAL A 342 -6.98 -35.35 -34.33
CA VAL A 342 -8.22 -36.05 -34.65
C VAL A 342 -9.41 -35.15 -34.29
N VAL A 343 -10.40 -35.11 -35.18
CA VAL A 343 -11.60 -34.27 -35.06
C VAL A 343 -12.80 -35.20 -34.98
N HIS A 344 -13.59 -35.09 -33.92
CA HIS A 344 -14.77 -35.94 -33.72
C HIS A 344 -16.05 -35.13 -33.89
N VAL A 345 -17.05 -35.71 -34.57
CA VAL A 345 -18.37 -35.08 -34.73
C VAL A 345 -19.29 -35.64 -33.67
N LEU A 346 -19.96 -34.74 -32.93
CA LEU A 346 -20.80 -35.09 -31.79
C LEU A 346 -22.24 -34.69 -32.10
N VAL A 347 -23.16 -35.63 -31.96
CA VAL A 347 -24.57 -35.36 -32.20
C VAL A 347 -25.36 -35.93 -31.03
N ASN A 348 -26.11 -35.05 -30.34
CA ASN A 348 -26.78 -35.39 -29.09
C ASN A 348 -25.90 -36.20 -28.16
N GLY A 349 -24.63 -35.83 -28.04
CA GLY A 349 -23.75 -36.42 -27.07
C GLY A 349 -23.03 -37.66 -27.54
N GLU A 350 -23.26 -38.09 -28.77
CA GLU A 350 -22.70 -39.32 -29.30
C GLU A 350 -21.70 -38.99 -30.40
N ARG A 351 -20.54 -39.66 -30.38
CA ARG A 351 -19.58 -39.52 -31.47
C ARG A 351 -20.08 -40.28 -32.69
N LEU A 352 -20.27 -39.57 -33.80
CA LEU A 352 -20.78 -40.18 -35.01
C LEU A 352 -19.72 -40.41 -36.09
N GLY A 353 -18.56 -39.79 -35.98
CA GLY A 353 -17.49 -40.04 -36.93
C GLY A 353 -16.30 -39.20 -36.58
N SER A 354 -15.20 -39.46 -37.27
CA SER A 354 -13.94 -38.74 -37.02
CA SER A 354 -13.97 -38.71 -37.02
C SER A 354 -13.20 -38.52 -38.33
N ALA A 355 -12.35 -37.50 -38.33
CA ALA A 355 -11.44 -37.24 -39.43
C ALA A 355 -10.16 -36.66 -38.82
N GLU A 356 -9.15 -36.46 -39.67
CA GLU A 356 -7.84 -36.10 -39.16
C GLU A 356 -7.27 -34.96 -39.98
N PHE A 357 -6.44 -34.16 -39.34
CA PHE A 357 -5.52 -33.30 -40.07
C PHE A 357 -4.15 -33.37 -39.39
N GLU A 358 -3.11 -33.19 -40.20
CA GLU A 358 -1.74 -33.18 -39.72
CA GLU A 358 -1.74 -33.18 -39.72
C GLU A 358 -1.26 -31.74 -39.63
N LEU A 359 -0.71 -31.39 -38.47
CA LEU A 359 -0.08 -30.09 -38.28
C LEU A 359 1.43 -30.28 -38.45
N ARG A 360 2.02 -29.55 -39.38
CA ARG A 360 3.42 -29.79 -39.75
C ARG A 360 4.35 -29.20 -38.71
N ALA A 361 5.54 -29.81 -38.58
CA ALA A 361 6.57 -29.27 -37.69
C ALA A 361 7.18 -27.99 -38.26
N ALA B 1 31.72 5.59 -1.66
CA ALA B 1 30.61 6.09 -0.84
C ALA B 1 29.78 4.96 -0.24
N ALA B 2 29.38 5.13 1.02
CA ALA B 2 28.59 4.08 1.68
C ALA B 2 27.27 3.89 0.95
N PRO B 3 26.69 2.69 1.02
CA PRO B 3 25.36 2.50 0.42
C PRO B 3 24.36 3.46 1.04
N ALA B 4 23.40 3.86 0.22
CA ALA B 4 22.34 4.74 0.68
C ALA B 4 21.52 4.05 1.75
N LEU B 5 20.91 4.85 2.62
CA LEU B 5 20.12 4.28 3.71
C LEU B 5 18.95 3.46 3.19
N LYS B 6 18.38 3.86 2.04
CA LYS B 6 17.24 3.13 1.52
C LYS B 6 17.54 1.66 1.27
N GLU B 7 18.82 1.30 1.08
CA GLU B 7 19.19 -0.09 0.85
C GLU B 7 19.00 -0.97 2.09
N ILE B 8 18.72 -0.37 3.26
CA ILE B 8 18.33 -1.20 4.41
C ILE B 8 17.03 -1.94 4.10
N PHE B 9 16.18 -1.36 3.25
CA PHE B 9 14.98 -2.02 2.76
C PHE B 9 15.21 -2.49 1.32
N ASN B 10 16.21 -3.36 1.15
CA ASN B 10 16.44 -3.97 -0.16
C ASN B 10 15.68 -5.28 -0.24
N VAL B 11 15.80 -5.98 -1.38
CA VAL B 11 15.02 -7.20 -1.58
CA VAL B 11 15.02 -7.20 -1.58
C VAL B 11 15.41 -8.27 -0.56
N GLU B 12 16.71 -8.34 -0.24
CA GLU B 12 17.14 -9.31 0.77
C GLU B 12 16.42 -9.08 2.09
N ARG B 13 16.24 -7.82 2.49
CA ARG B 13 15.54 -7.53 3.74
C ARG B 13 14.04 -7.85 3.62
N LEU B 14 13.45 -7.59 2.45
CA LEU B 14 12.05 -7.95 2.25
C LEU B 14 11.85 -9.47 2.37
N GLN B 15 12.80 -10.23 1.84
CA GLN B 15 12.72 -11.68 1.93
C GLN B 15 12.83 -12.14 3.39
N HIS B 16 13.71 -11.49 4.16
CA HIS B 16 13.83 -11.77 5.58
C HIS B 16 12.51 -11.50 6.30
N ILE B 17 11.89 -10.36 6.01
CA ILE B 17 10.61 -10.05 6.65
C ILE B 17 9.58 -11.12 6.31
N ALA B 18 9.51 -11.50 5.02
CA ALA B 18 8.56 -12.52 4.61
C ALA B 18 8.84 -13.88 5.28
N SER B 19 10.11 -14.27 5.37
CA SER B 19 10.44 -15.53 6.01
C SER B 19 10.01 -15.56 7.47
N GLU B 20 10.24 -14.45 8.18
CA GLU B 20 9.87 -14.43 9.60
C GLU B 20 8.36 -14.33 9.76
N MET B 21 7.65 -13.67 8.84
CA MET B 21 6.19 -13.67 8.91
C MET B 21 5.64 -15.08 8.74
N THR B 22 6.21 -15.84 7.79
CA THR B 22 5.79 -17.22 7.61
C THR B 22 6.05 -18.04 8.87
N ALA B 23 7.14 -17.75 9.58
CA ALA B 23 7.44 -18.48 10.81
C ALA B 23 6.36 -18.25 11.87
N VAL B 24 5.80 -17.02 11.96
CA VAL B 24 4.74 -16.74 12.93
C VAL B 24 3.35 -17.00 12.36
N TYR B 25 3.23 -17.15 11.05
CA TYR B 25 1.92 -17.23 10.39
C TYR B 25 2.08 -18.13 9.18
N PRO B 26 1.99 -19.45 9.36
CA PRO B 26 2.35 -20.36 8.26
C PRO B 26 1.56 -20.16 6.98
N ALA B 27 0.30 -19.70 7.06
CA ALA B 27 -0.51 -19.42 5.89
C ALA B 27 -0.16 -18.10 5.20
N PHE B 28 0.85 -17.37 5.68
CA PHE B 28 1.20 -16.08 5.12
C PHE B 28 1.43 -16.14 3.61
N ASP B 29 0.85 -15.18 2.90
CA ASP B 29 1.02 -15.05 1.45
C ASP B 29 2.34 -14.33 1.16
N ALA B 30 3.43 -15.07 1.35
CA ALA B 30 4.75 -14.46 1.19
C ALA B 30 4.99 -14.05 -0.27
N LYS B 31 4.58 -14.88 -1.22
CA LYS B 31 4.73 -14.53 -2.63
C LYS B 31 4.00 -13.22 -2.95
N GLY B 32 2.76 -13.09 -2.46
CA GLY B 32 2.00 -11.87 -2.70
C GLY B 32 2.60 -10.68 -1.99
N PHE B 33 3.08 -10.88 -0.75
CA PHE B 33 3.74 -9.79 -0.02
C PHE B 33 4.94 -9.28 -0.80
N LEU B 34 5.77 -10.18 -1.31
CA LEU B 34 6.99 -9.76 -1.98
C LEU B 34 6.69 -9.04 -3.29
N LYS B 35 5.73 -9.54 -4.06
CA LYS B 35 5.35 -8.89 -5.31
C LYS B 35 4.86 -7.48 -5.04
N HIS B 36 4.02 -7.31 -4.03
CA HIS B 36 3.46 -5.99 -3.67
C HIS B 36 4.55 -5.05 -3.18
N ALA B 37 5.44 -5.55 -2.33
CA ALA B 37 6.46 -4.67 -1.76
C ALA B 37 7.50 -4.27 -2.80
N LYS B 38 7.80 -5.13 -3.79
CA LYS B 38 8.91 -4.87 -4.70
C LYS B 38 8.56 -3.93 -5.85
N ALA B 39 7.28 -3.67 -6.13
CA ALA B 39 6.92 -2.90 -7.32
C ALA B 39 7.44 -1.47 -7.22
N GLY B 40 8.35 -1.10 -8.13
CA GLY B 40 8.91 0.23 -8.08
C GLY B 40 9.87 0.47 -6.94
N LEU B 41 10.41 -0.60 -6.34
CA LEU B 41 11.24 -0.45 -5.15
C LEU B 41 12.38 0.55 -5.38
N ALA B 42 13.08 0.44 -6.51
CA ALA B 42 14.23 1.30 -6.75
C ALA B 42 13.85 2.78 -6.72
N GLU B 43 12.59 3.10 -7.01
CA GLU B 43 12.10 4.47 -7.01
C GLU B 43 11.73 4.98 -5.62
N LEU B 44 11.70 4.14 -4.61
CA LEU B 44 11.22 4.51 -3.29
C LEU B 44 12.36 4.96 -2.39
N SER B 45 12.13 6.05 -1.67
CA SER B 45 13.05 6.51 -0.63
C SER B 45 12.93 5.62 0.59
N VAL B 46 13.80 5.84 1.60
CA VAL B 46 13.80 4.90 2.71
C VAL B 46 12.47 4.94 3.46
N MET B 47 11.90 6.12 3.68
CA MET B 47 10.66 6.12 4.42
C MET B 47 9.48 5.67 3.57
N GLN B 48 9.55 5.83 2.24
CA GLN B 48 8.55 5.21 1.38
C GLN B 48 8.62 3.69 1.43
N ARG B 49 9.83 3.12 1.51
CA ARG B 49 9.97 1.67 1.61
C ARG B 49 9.43 1.16 2.94
N MET B 50 9.75 1.88 4.02
CA MET B 50 9.21 1.54 5.34
C MET B 50 7.69 1.48 5.31
N ALA B 51 7.06 2.52 4.74
CA ALA B 51 5.60 2.52 4.66
C ALA B 51 5.09 1.41 3.75
N ARG B 52 5.79 1.16 2.66
CA ARG B 52 5.38 0.11 1.74
C ARG B 52 5.30 -1.25 2.43
N VAL B 53 6.26 -1.57 3.30
CA VAL B 53 6.22 -2.89 3.96
C VAL B 53 4.91 -3.06 4.73
N SER B 54 4.54 -2.04 5.49
CA SER B 54 3.27 -2.05 6.23
C SER B 54 2.08 -2.20 5.28
N GLU B 55 2.07 -1.44 4.20
CA GLU B 55 0.97 -1.52 3.24
C GLU B 55 0.91 -2.89 2.59
N SER B 56 2.08 -3.48 2.30
CA SER B 56 2.09 -4.77 1.63
C SER B 56 1.57 -5.86 2.55
N LEU B 57 1.92 -5.80 3.83
CA LEU B 57 1.37 -6.73 4.80
C LEU B 57 -0.15 -6.59 4.86
N HIS B 58 -0.64 -5.35 4.95
CA HIS B 58 -2.08 -5.14 5.03
C HIS B 58 -2.78 -5.63 3.77
N ALA B 59 -2.13 -5.51 2.61
CA ALA B 59 -2.73 -5.91 1.35
C ALA B 59 -2.92 -7.42 1.24
N VAL B 60 -2.11 -8.24 1.91
CA VAL B 60 -2.11 -9.68 1.66
C VAL B 60 -2.50 -10.52 2.87
N ILE B 61 -2.71 -9.93 4.04
CA ILE B 61 -3.10 -10.68 5.23
C ILE B 61 -4.61 -10.66 5.36
N PRO B 62 -5.30 -11.80 5.28
CA PRO B 62 -6.77 -11.78 5.25
C PRO B 62 -7.41 -11.74 6.63
N LEU B 63 -6.89 -10.88 7.50
CA LEU B 63 -7.28 -10.83 8.90
C LEU B 63 -7.59 -9.40 9.26
N ASP B 64 -8.33 -9.20 10.35
CA ASP B 64 -8.72 -7.86 10.75
C ASP B 64 -7.64 -7.27 11.65
N TYR B 65 -7.92 -6.09 12.20
CA TYR B 65 -6.87 -5.33 12.89
C TYR B 65 -6.39 -6.04 14.15
N PRO B 66 -7.24 -6.42 15.10
CA PRO B 66 -6.72 -7.16 16.27
C PRO B 66 -6.01 -8.46 15.90
N GLN B 67 -6.53 -9.20 14.93
CA GLN B 67 -5.90 -10.44 14.49
C GLN B 67 -4.51 -10.19 13.93
N THR B 68 -4.36 -9.16 13.10
CA THR B 68 -3.05 -8.91 12.50
C THR B 68 -2.06 -8.46 13.56
N LEU B 69 -2.49 -7.62 14.49
CA LEU B 69 -1.58 -7.18 15.56
C LEU B 69 -1.01 -8.35 16.32
N THR B 70 -1.82 -9.38 16.58
CA THR B 70 -1.32 -10.51 17.34
C THR B 70 -0.13 -11.15 16.62
N LEU B 71 -0.22 -11.25 15.28
CA LEU B 71 0.90 -11.74 14.50
C LEU B 71 2.09 -10.79 14.57
N LEU B 72 1.84 -9.49 14.42
CA LEU B 72 2.92 -8.52 14.41
C LEU B 72 3.62 -8.46 15.76
N TYR B 73 2.91 -8.72 16.87
CA TYR B 73 3.61 -8.82 18.15
C TYR B 73 4.63 -9.95 18.13
N ALA B 74 4.27 -11.08 17.51
CA ALA B 74 5.19 -12.21 17.45
C ALA B 74 6.33 -11.95 16.49
N LEU B 75 6.07 -11.15 15.45
CA LEU B 75 7.10 -10.84 14.45
C LEU B 75 8.19 -9.93 15.02
N ALA B 76 7.79 -8.95 15.84
CA ALA B 76 8.72 -7.92 16.31
C ALA B 76 10.05 -8.47 16.81
N PRO B 77 10.11 -9.42 17.74
CA PRO B 77 11.42 -9.88 18.25
C PRO B 77 12.23 -10.66 17.23
N ARG B 78 11.65 -11.05 16.11
CA ARG B 78 12.35 -11.84 15.11
C ARG B 78 13.05 -10.97 14.08
N LEU B 79 12.79 -9.67 14.06
CA LEU B 79 13.39 -8.81 13.06
C LEU B 79 14.83 -8.49 13.43
N ASN B 80 15.68 -8.38 12.41
CA ASN B 80 17.12 -8.22 12.64
C ASN B 80 17.58 -6.77 12.62
N SER B 81 16.67 -5.80 12.67
CA SER B 81 17.06 -4.39 12.59
C SER B 81 16.02 -3.52 13.28
N GLY B 82 16.47 -2.64 14.18
CA GLY B 82 15.56 -1.69 14.81
C GLY B 82 14.99 -0.67 13.85
N PHE B 83 15.79 -0.20 12.90
CA PHE B 83 15.28 0.76 11.93
C PHE B 83 14.22 0.12 11.05
N VAL B 84 14.45 -1.11 10.61
CA VAL B 84 13.47 -1.80 9.79
C VAL B 84 12.16 -1.95 10.55
N SER B 85 12.24 -2.14 11.87
CA SER B 85 11.08 -2.35 12.70
CA SER B 85 11.05 -2.37 12.66
C SER B 85 10.14 -1.15 12.72
N LEU B 86 10.57 0.01 12.19
CA LEU B 86 9.66 1.16 12.10
C LEU B 86 8.35 0.84 11.38
N PHE B 87 8.31 -0.16 10.50
CA PHE B 87 7.05 -0.42 9.81
C PHE B 87 5.97 -0.94 10.75
N LEU B 88 6.35 -1.46 11.93
CA LEU B 88 5.33 -1.98 12.85
C LEU B 88 4.53 -0.85 13.47
N PRO B 89 5.13 0.17 14.06
CA PRO B 89 4.35 1.35 14.47
C PRO B 89 3.63 2.00 13.31
N HIS B 90 4.23 1.99 12.11
CA HIS B 90 3.53 2.57 10.96
C HIS B 90 2.22 1.86 10.70
N TYR B 91 2.21 0.53 10.79
CA TYR B 91 0.97 -0.23 10.62
C TYR B 91 -0.11 0.25 11.60
N VAL B 92 0.29 0.49 12.85
CA VAL B 92 -0.64 0.94 13.88
C VAL B 92 -1.21 2.31 13.52
N ALA B 93 -0.36 3.23 13.10
CA ALA B 93 -0.85 4.56 12.75
C ALA B 93 -1.75 4.51 11.51
N SER B 94 -1.43 3.64 10.57
CA SER B 94 -2.21 3.55 9.34
C SER B 94 -3.60 2.98 9.55
N TYR B 95 -3.70 1.92 10.35
CA TYR B 95 -4.91 1.09 10.42
C TYR B 95 -5.56 1.08 11.80
N GLY B 96 -4.97 1.72 12.80
CA GLY B 96 -5.41 1.62 14.19
C GLY B 96 -6.11 2.83 14.77
N ARG B 97 -6.49 3.82 13.97
CA ARG B 97 -7.04 5.07 14.51
C ARG B 97 -8.34 4.86 15.27
N ASP B 98 -9.18 3.90 14.86
CA ASP B 98 -10.46 3.70 15.51
C ASP B 98 -10.41 2.64 16.60
N ASP B 99 -9.23 2.25 17.06
CA ASP B 99 -9.10 1.26 18.14
C ASP B 99 -7.99 1.77 19.07
N PHE B 100 -8.28 2.87 19.77
CA PHE B 100 -7.25 3.68 20.40
C PHE B 100 -6.47 2.90 21.45
N LYS B 101 -7.16 2.28 22.41
CA LYS B 101 -6.43 1.64 23.50
C LYS B 101 -5.56 0.51 22.99
N ARG B 102 -6.08 -0.28 22.06
CA ARG B 102 -5.29 -1.36 21.46
C ARG B 102 -4.07 -0.80 20.73
N SER B 103 -4.25 0.29 20.01
CA SER B 103 -3.13 0.88 19.29
C SER B 103 -2.08 1.44 20.25
N MET B 104 -2.51 2.07 21.33
CA MET B 104 -1.52 2.60 22.28
C MET B 104 -0.70 1.47 22.89
N ALA B 105 -1.36 0.36 23.26
CA ALA B 105 -0.63 -0.78 23.81
C ALA B 105 0.37 -1.33 22.79
N ALA B 106 -0.05 -1.39 21.52
CA ALA B 106 0.84 -1.87 20.46
C ALA B 106 2.05 -0.97 20.29
N LEU B 107 1.85 0.35 20.34
CA LEU B 107 2.98 1.27 20.21
C LEU B 107 3.92 1.15 21.39
N LYS B 108 3.36 1.04 22.60
CA LYS B 108 4.22 0.85 23.77
C LYS B 108 5.10 -0.38 23.61
N TYR B 109 4.54 -1.47 23.08
CA TYR B 109 5.29 -2.70 22.85
C TYR B 109 6.30 -2.53 21.72
N PHE B 110 5.84 -2.00 20.57
CA PHE B 110 6.72 -1.96 19.41
C PHE B 110 7.89 -1.00 19.64
N THR B 111 7.71 0.04 20.47
CA THR B 111 8.73 1.09 20.54
C THR B 111 10.03 0.55 21.10
N THR B 112 9.99 -0.54 21.88
CA THR B 112 11.23 -1.11 22.42
C THR B 112 12.05 -1.81 21.35
N PHE B 113 11.43 -2.18 20.21
CA PHE B 113 12.18 -2.83 19.14
C PHE B 113 12.74 -1.84 18.13
N GLY B 114 12.25 -0.61 18.13
CA GLY B 114 12.80 0.42 17.28
C GLY B 114 12.41 1.76 17.86
N SER B 115 11.30 2.28 17.34
CA SER B 115 10.76 3.54 17.83
C SER B 115 9.38 3.83 17.27
N ALA B 116 8.43 4.14 18.15
CA ALA B 116 7.10 4.59 17.75
C ALA B 116 7.01 6.11 17.57
N GLU B 117 8.16 6.80 17.45
CA GLU B 117 8.16 8.27 17.44
C GLU B 117 7.39 8.88 16.26
N PHE B 118 7.39 8.23 15.09
CA PHE B 118 6.61 8.76 13.97
C PHE B 118 5.14 8.41 14.09
N ALA B 119 4.84 7.17 14.49
CA ALA B 119 3.46 6.71 14.54
C ALA B 119 2.65 7.49 15.56
N ILE B 120 3.23 7.76 16.73
CA ILE B 120 2.47 8.40 17.80
C ILE B 120 1.99 9.78 17.39
N ARG B 121 2.68 10.43 16.46
CA ARG B 121 2.32 11.78 16.06
C ARG B 121 1.01 11.83 15.31
N HIS B 122 0.65 10.74 14.63
CA HIS B 122 -0.68 10.68 14.01
C HIS B 122 -1.77 10.70 15.05
N PHE B 123 -1.53 10.02 16.18
CA PHE B 123 -2.52 10.01 17.26
C PHE B 123 -2.55 11.35 17.99
N LEU B 124 -1.39 11.99 18.16
CA LEU B 124 -1.40 13.34 18.74
C LEU B 124 -2.14 14.32 17.84
N LEU B 125 -2.06 14.10 16.52
CA LEU B 125 -2.73 15.01 15.60
C LEU B 125 -4.25 14.84 15.66
N HIS B 126 -4.73 13.60 15.63
CA HIS B 126 -6.16 13.35 15.53
C HIS B 126 -6.84 13.08 16.86
N ASP B 127 -6.10 12.82 17.91
CA ASP B 127 -6.66 12.34 19.17
C ASP B 127 -5.78 12.89 20.30
N PHE B 128 -5.60 14.22 20.33
CA PHE B 128 -4.50 14.81 21.11
C PHE B 128 -4.64 14.57 22.60
N GLN B 129 -5.77 14.96 23.20
CA GLN B 129 -5.84 14.89 24.66
C GLN B 129 -5.76 13.46 25.16
N ARG B 130 -6.40 12.50 24.46
CA ARG B 130 -6.28 11.11 24.89
C ARG B 130 -4.85 10.59 24.76
N THR B 131 -4.18 10.98 23.68
CA THR B 131 -2.81 10.51 23.46
C THR B 131 -1.85 11.17 24.45
N LEU B 132 -2.06 12.45 24.72
CA LEU B 132 -1.20 13.13 25.69
C LEU B 132 -1.28 12.45 27.05
N ALA B 133 -2.49 12.06 27.48
CA ALA B 133 -2.61 11.40 28.77
C ALA B 133 -1.83 10.09 28.81
N VAL B 134 -1.84 9.34 27.69
CA VAL B 134 -1.07 8.10 27.60
C VAL B 134 0.43 8.40 27.69
N MET B 135 0.88 9.43 26.97
CA MET B 135 2.30 9.75 26.99
CA MET B 135 2.29 9.79 26.99
C MET B 135 2.75 10.24 28.37
N GLN B 136 1.87 10.91 29.10
CA GLN B 136 2.19 11.25 30.49
C GLN B 136 2.43 10.00 31.32
N ALA B 137 1.61 8.98 31.14
CA ALA B 137 1.84 7.73 31.83
C ALA B 137 3.16 7.09 31.38
N TRP B 138 3.44 7.16 30.09
CA TRP B 138 4.66 6.54 29.59
C TRP B 138 5.91 7.21 30.15
N SER B 139 5.83 8.51 30.44
CA SER B 139 6.98 9.23 31.01
C SER B 139 7.36 8.71 32.37
N GLN B 140 6.49 7.94 33.01
CA GLN B 140 6.81 7.34 34.30
C GLN B 140 6.99 5.82 34.20
N ASP B 141 7.14 5.29 32.99
CA ASP B 141 7.30 3.85 32.80
C ASP B 141 8.68 3.39 33.28
N ASP B 142 8.78 2.12 33.71
CA ASP B 142 10.08 1.57 34.09
C ASP B 142 11.04 1.43 32.89
N ASN B 143 10.51 1.36 31.67
CA ASN B 143 11.32 1.04 30.50
C ASN B 143 11.81 2.33 29.83
N GLU B 144 13.14 2.46 29.69
CA GLU B 144 13.70 3.71 29.15
C GLU B 144 13.24 3.99 27.72
N HIS B 145 12.99 2.95 26.91
CA HIS B 145 12.46 3.16 25.57
C HIS B 145 11.11 3.84 25.61
N VAL B 146 10.27 3.45 26.57
CA VAL B 146 8.93 4.03 26.68
C VAL B 146 9.01 5.47 27.17
N ARG B 147 9.86 5.73 28.18
CA ARG B 147 10.05 7.11 28.63
C ARG B 147 10.59 7.98 27.50
N ARG B 148 11.52 7.46 26.71
CA ARG B 148 12.09 8.24 25.62
C ARG B 148 11.03 8.59 24.58
N LEU B 149 10.14 7.64 24.29
CA LEU B 149 9.03 7.89 23.36
C LEU B 149 8.15 9.04 23.86
N ALA B 150 7.89 9.09 25.16
CA ALA B 150 7.04 10.14 25.71
C ALA B 150 7.60 11.51 25.38
N SER B 151 8.93 11.64 25.44
CA SER B 151 9.59 12.92 25.15
C SER B 151 9.82 13.13 23.66
N GLU B 152 10.27 12.10 22.96
CA GLU B 152 10.65 12.30 21.56
C GLU B 152 9.43 12.41 20.65
N GLY B 153 8.43 11.58 20.88
CA GLY B 153 7.28 11.59 19.99
C GLY B 153 6.44 12.83 20.12
N SER B 154 6.54 13.53 21.26
CA SER B 154 5.79 14.76 21.45
C SER B 154 6.57 16.01 21.07
N ARG B 155 7.76 15.85 20.47
CA ARG B 155 8.57 17.02 20.13
C ARG B 155 7.81 17.95 19.19
N PRO B 156 7.94 19.27 19.37
CA PRO B 156 7.36 20.18 18.37
C PRO B 156 7.87 19.95 16.97
N ARG B 157 9.17 19.69 16.80
CA ARG B 157 9.85 19.69 15.50
C ARG B 157 10.73 18.45 15.34
N LEU B 158 10.12 17.28 15.47
CA LEU B 158 10.84 16.04 15.22
C LEU B 158 11.30 15.96 13.76
N PRO B 159 12.58 15.73 13.49
CA PRO B 159 13.00 15.46 12.11
C PRO B 159 12.27 14.26 11.52
N TRP B 160 11.97 14.38 10.21
CA TRP B 160 11.33 13.35 9.40
C TRP B 160 9.85 13.16 9.73
N SER B 161 9.25 14.10 10.45
CA SER B 161 7.81 14.07 10.68
C SER B 161 7.27 15.49 10.59
N PHE B 162 5.95 15.60 10.45
CA PHE B 162 5.33 16.91 10.51
C PHE B 162 5.50 17.52 11.89
N ARG B 163 5.53 18.84 11.93
CA ARG B 163 5.52 19.54 13.20
C ARG B 163 4.16 19.38 13.87
N LEU B 164 4.16 19.41 15.21
CA LEU B 164 2.92 19.33 15.98
C LEU B 164 2.55 20.74 16.40
N ALA B 165 1.66 21.36 15.62
CA ALA B 165 1.32 22.76 15.83
C ALA B 165 0.77 23.01 17.22
N GLU B 166 0.00 22.04 17.73
CA GLU B 166 -0.65 22.23 19.03
C GLU B 166 0.38 22.25 20.15
N VAL B 167 1.38 21.37 20.08
CA VAL B 167 2.48 21.35 21.05
C VAL B 167 3.33 22.59 20.89
N GLN B 168 3.62 22.94 19.65
CA GLN B 168 4.50 24.08 19.37
C GLN B 168 3.95 25.36 19.97
N ALA B 169 2.62 25.50 19.94
CA ALA B 169 1.95 26.70 20.39
C ALA B 169 1.90 26.79 21.91
N ASP B 170 2.04 25.68 22.63
CA ASP B 170 1.79 25.68 24.07
C ASP B 170 2.73 24.72 24.77
N PRO B 171 3.87 25.22 25.27
CA PRO B 171 4.80 24.35 26.01
C PRO B 171 4.25 23.81 27.32
N GLU B 172 3.19 24.37 27.87
CA GLU B 172 2.65 23.80 29.11
C GLU B 172 2.05 22.42 28.88
N LEU B 173 1.68 22.08 27.65
CA LEU B 173 1.00 20.81 27.45
C LEU B 173 1.88 19.62 27.85
N CYS B 174 3.13 19.61 27.38
CA CYS B 174 4.06 18.51 27.62
C CYS B 174 5.02 18.81 28.78
N ALA B 175 4.81 19.91 29.50
CA ALA B 175 5.78 20.33 30.51
C ALA B 175 5.99 19.26 31.58
N SER B 176 4.91 18.62 32.04
CA SER B 176 5.06 17.65 33.13
C SER B 176 5.83 16.40 32.66
N ILE B 177 5.70 16.04 31.39
CA ILE B 177 6.52 14.96 30.83
C ILE B 177 8.01 15.30 30.96
N LEU B 178 8.39 16.46 30.44
CA LEU B 178 9.80 16.86 30.51
C LEU B 178 10.27 17.03 31.95
N ASP B 179 9.41 17.57 32.82
CA ASP B 179 9.81 17.75 34.22
C ASP B 179 10.09 16.41 34.87
N HIS B 180 9.28 15.40 34.56
CA HIS B 180 9.54 14.11 35.18
CA HIS B 180 9.48 14.04 35.08
C HIS B 180 10.85 13.49 34.70
N LEU B 181 11.35 13.88 33.52
CA LEU B 181 12.50 13.24 32.89
C LEU B 181 13.80 14.04 33.01
N LYS B 182 13.80 15.18 33.71
CA LYS B 182 14.93 16.11 33.70
C LYS B 182 16.12 15.62 34.50
N ALA B 183 16.00 14.51 35.20
CA ALA B 183 17.14 13.87 35.85
C ALA B 183 17.18 12.38 35.54
N ASP B 184 16.70 11.99 34.36
CA ASP B 184 16.53 10.58 34.06
C ASP B 184 17.88 9.86 34.07
N SER B 185 17.89 8.60 34.55
CA SER B 185 19.10 7.81 34.58
C SER B 185 19.56 7.37 33.19
N SER B 186 18.69 7.41 32.21
CA SER B 186 18.98 6.93 30.87
C SER B 186 19.49 8.07 30.00
N LEU B 187 20.71 7.92 29.46
CA LEU B 187 21.20 8.92 28.52
C LEU B 187 20.29 9.05 27.30
N TYR B 188 19.72 7.93 26.86
CA TYR B 188 18.83 7.96 25.71
C TYR B 188 17.65 8.89 25.96
N VAL B 189 17.08 8.83 27.16
CA VAL B 189 15.99 9.72 27.54
C VAL B 189 16.50 11.16 27.64
N ARG B 190 17.66 11.35 28.29
CA ARG B 190 18.17 12.70 28.49
C ARG B 190 18.40 13.42 27.17
N LYS B 191 18.91 12.71 26.14
CA LYS B 191 19.10 13.33 24.84
C LYS B 191 17.78 13.87 24.31
N SER B 192 16.73 13.06 24.44
CA SER B 192 15.42 13.46 23.93
C SER B 192 14.86 14.67 24.69
N VAL B 193 14.99 14.70 26.02
CA VAL B 193 14.53 15.85 26.78
C VAL B 193 15.25 17.10 26.29
N ALA B 194 16.57 17.03 26.12
CA ALA B 194 17.33 18.17 25.67
C ALA B 194 16.88 18.62 24.27
N ASN B 195 16.65 17.65 23.39
CA ASN B 195 16.28 18.01 22.02
C ASN B 195 14.86 18.56 21.95
N HIS B 196 13.95 18.01 22.75
CA HIS B 196 12.61 18.57 22.82
C HIS B 196 12.65 20.02 23.32
N LEU B 197 13.43 20.29 24.37
CA LEU B 197 13.57 21.66 24.88
C LEU B 197 14.21 22.58 23.84
N ASN B 198 15.22 22.09 23.12
CA ASN B 198 15.83 22.92 22.07
C ASN B 198 14.81 23.25 20.99
N ASP B 199 13.97 22.29 20.60
CA ASP B 199 12.82 22.61 19.74
C ASP B 199 11.99 23.76 20.30
N ILE B 200 11.66 23.71 21.58
CA ILE B 200 10.82 24.75 22.17
C ILE B 200 11.50 26.12 22.05
N THR B 201 12.83 26.17 22.20
CA THR B 201 13.51 27.46 22.15
C THR B 201 13.35 28.15 20.81
N LYS B 202 12.98 27.43 19.76
CA LYS B 202 12.77 28.07 18.46
C LYS B 202 11.53 28.97 18.47
N ASP B 203 10.57 28.69 19.35
CA ASP B 203 9.31 29.42 19.40
C ASP B 203 9.03 30.09 20.74
N HIS B 204 9.55 29.56 21.85
CA HIS B 204 9.29 30.11 23.19
C HIS B 204 10.59 30.10 23.98
N PRO B 205 11.58 30.86 23.55
CA PRO B 205 12.87 30.82 24.25
C PRO B 205 12.79 31.25 25.71
N GLU B 206 12.00 32.28 26.03
CA GLU B 206 11.94 32.73 27.41
C GLU B 206 11.33 31.66 28.32
N TRP B 207 10.38 30.88 27.79
CA TRP B 207 9.76 29.84 28.59
C TRP B 207 10.79 28.79 29.03
N VAL B 208 11.66 28.38 28.11
CA VAL B 208 12.69 27.41 28.42
C VAL B 208 13.71 27.98 29.40
N LEU B 209 14.11 29.23 29.20
CA LEU B 209 15.05 29.87 30.12
C LEU B 209 14.48 29.90 31.53
N SER B 210 13.21 30.32 31.67
CA SER B 210 12.58 30.37 32.98
C SER B 210 12.48 29.00 33.62
N LEU B 211 12.14 27.99 32.81
CA LEU B 211 12.10 26.61 33.29
C LEU B 211 13.45 26.18 33.85
N ILE B 212 14.51 26.36 33.05
CA ILE B 212 15.82 25.85 33.45
C ILE B 212 16.42 26.66 34.59
N GLU B 213 16.06 27.93 34.71
CA GLU B 213 16.42 28.70 35.89
C GLU B 213 15.85 28.10 37.18
N GLY B 214 14.91 27.17 37.06
CA GLY B 214 14.35 26.49 38.21
C GLY B 214 14.94 25.13 38.47
N TRP B 215 15.93 24.72 37.68
CA TRP B 215 16.55 23.40 37.79
C TRP B 215 17.75 23.43 38.72
N ASN B 216 18.08 22.25 39.24
CA ASN B 216 19.29 22.07 40.04
C ASN B 216 20.42 21.64 39.11
N LEU B 217 21.26 22.60 38.72
CA LEU B 217 22.32 22.27 37.78
C LEU B 217 23.53 21.68 38.47
N GLU B 218 23.46 21.44 39.79
CA GLU B 218 24.47 20.63 40.44
CA GLU B 218 24.46 20.63 40.47
C GLU B 218 24.23 19.14 40.27
N ASN B 219 23.07 18.75 39.76
CA ASN B 219 22.86 17.37 39.35
C ASN B 219 23.45 17.23 37.95
N PRO B 220 24.49 16.42 37.75
CA PRO B 220 25.19 16.45 36.45
C PRO B 220 24.33 16.02 35.28
N HIS B 221 23.37 15.11 35.49
CA HIS B 221 22.47 14.74 34.41
C HIS B 221 21.61 15.92 33.99
N THR B 222 21.08 16.64 34.97
CA THR B 222 20.27 17.83 34.69
C THR B 222 21.11 18.93 34.03
N ALA B 223 22.35 19.11 34.48
CA ALA B 223 23.22 20.12 33.87
C ALA B 223 23.51 19.79 32.40
N TRP B 224 23.73 18.51 32.10
CA TRP B 224 23.95 18.08 30.72
C TRP B 224 22.73 18.39 29.85
N ILE B 225 21.54 18.05 30.34
CA ILE B 225 20.33 18.39 29.60
C ILE B 225 20.26 19.88 29.35
N ALA B 226 20.53 20.69 30.37
CA ALA B 226 20.46 22.14 30.21
C ALA B 226 21.42 22.62 29.13
N ARG B 227 22.65 22.11 29.13
CA ARG B 227 23.62 22.56 28.14
C ARG B 227 23.13 22.27 26.73
N HIS B 228 22.55 21.09 26.52
CA HIS B 228 22.15 20.71 25.17
C HIS B 228 20.80 21.28 24.79
N ALA B 229 19.92 21.50 25.78
CA ALA B 229 18.65 22.18 25.54
C ALA B 229 18.88 23.61 25.07
N LEU B 230 19.83 24.31 25.68
CA LEU B 230 20.08 25.71 25.44
C LEU B 230 21.06 25.94 24.31
N ARG B 231 21.41 24.88 23.55
CA ARG B 231 22.55 25.03 22.65
C ARG B 231 22.31 26.09 21.58
N SER B 232 21.08 26.24 21.09
CA SER B 232 20.84 27.24 20.06
C SER B 232 20.87 28.64 20.66
N LEU B 233 20.26 28.81 21.84
CA LEU B 233 20.30 30.14 22.48
C LEU B 233 21.72 30.55 22.85
N ILE B 234 22.57 29.59 23.23
CA ILE B 234 23.96 29.91 23.57
C ILE B 234 24.69 30.42 22.33
N LYS B 235 24.48 29.76 21.18
CA LYS B 235 25.10 30.22 19.94
C LYS B 235 24.59 31.59 19.54
N GLN B 236 23.35 31.93 19.91
CA GLN B 236 22.79 33.24 19.61
C GLN B 236 23.27 34.31 20.58
N GLY B 237 24.09 33.93 21.56
CA GLY B 237 24.60 34.88 22.52
C GLY B 237 23.60 35.31 23.58
N ASN B 238 22.60 34.48 23.85
CA ASN B 238 21.56 34.85 24.82
C ASN B 238 22.15 34.90 26.22
N THR B 239 21.97 36.04 26.89
CA THR B 239 22.64 36.28 28.17
C THR B 239 22.13 35.33 29.25
N ARG B 240 20.81 35.13 29.30
CA ARG B 240 20.26 34.25 30.33
C ARG B 240 20.77 32.84 30.14
N ALA B 241 20.88 32.40 28.88
CA ALA B 241 21.38 31.06 28.60
C ALA B 241 22.85 30.92 28.97
N LEU B 242 23.67 31.89 28.59
CA LEU B 242 25.08 31.87 28.94
C LEU B 242 25.27 31.92 30.45
N THR B 243 24.43 32.70 31.14
CA THR B 243 24.51 32.77 32.59
C THR B 243 24.25 31.42 33.22
N LEU B 244 23.27 30.67 32.69
CA LEU B 244 23.01 29.33 33.21
C LEU B 244 24.22 28.43 33.03
N MET B 245 25.06 28.72 32.04
CA MET B 245 26.28 27.95 31.81
C MET B 245 27.49 28.51 32.55
N GLY B 246 27.29 29.53 33.39
CA GLY B 246 28.40 30.15 34.09
C GLY B 246 29.24 31.10 33.28
N ALA B 247 28.79 31.48 32.09
CA ALA B 247 29.58 32.25 31.15
C ALA B 247 28.81 33.48 30.68
N GLY B 248 27.96 34.02 31.56
CA GLY B 248 27.15 35.17 31.22
C GLY B 248 27.83 36.50 31.41
N ALA B 249 28.86 36.56 32.26
CA ALA B 249 29.54 37.83 32.48
C ALA B 249 30.35 38.23 31.26
N LYS B 250 30.48 39.54 31.04
CA LYS B 250 31.41 40.02 30.03
C LYS B 250 32.78 39.41 30.27
N ALA B 251 33.40 38.95 29.19
CA ALA B 251 34.72 38.37 29.30
C ALA B 251 35.75 39.48 29.50
N GLU B 252 36.57 39.33 30.54
CA GLU B 252 37.65 40.27 30.82
C GLU B 252 38.88 39.67 30.14
N VAL B 253 38.97 39.91 28.84
CA VAL B 253 40.02 39.34 28.01
C VAL B 253 40.40 40.33 26.94
N LYS B 254 41.63 40.22 26.45
CA LYS B 254 42.05 40.84 25.21
C LYS B 254 42.27 39.76 24.17
N ILE B 255 42.04 40.09 22.91
CA ILE B 255 42.23 39.16 21.81
C ILE B 255 43.43 39.64 21.02
N HIS B 256 44.34 38.72 20.70
CA HIS B 256 45.58 39.04 19.98
C HIS B 256 45.75 38.12 18.78
N HIS B 257 46.41 38.65 17.74
CA HIS B 257 46.85 37.85 16.60
C HIS B 257 45.68 37.26 15.81
N LEU B 258 44.50 37.88 15.85
CA LEU B 258 43.35 37.26 15.18
C LEU B 258 43.56 37.27 13.66
N MET B 259 43.46 36.09 13.05
CA MET B 259 43.63 36.01 11.60
C MET B 259 42.97 34.75 11.07
N VAL B 260 42.68 34.79 9.77
CA VAL B 260 42.31 33.61 9.00
C VAL B 260 43.35 33.43 7.91
N THR B 261 43.86 32.21 7.76
CA THR B 261 44.79 31.93 6.68
C THR B 261 44.32 30.67 5.96
N PRO B 262 44.54 30.58 4.64
CA PRO B 262 45.04 31.61 3.73
C PRO B 262 44.03 32.77 3.61
N ALA B 263 44.50 33.91 3.14
CA ALA B 263 43.63 35.08 2.96
C ALA B 263 42.63 34.87 1.82
N VAL B 264 43.02 34.06 0.83
CA VAL B 264 42.23 33.83 -0.36
C VAL B 264 42.27 32.34 -0.65
N ILE B 265 41.09 31.74 -0.87
CA ILE B 265 41.02 30.32 -1.16
C ILE B 265 40.12 30.08 -2.36
N ASN B 266 40.34 28.92 -2.98
CA ASN B 266 39.38 28.30 -3.88
C ASN B 266 38.51 27.32 -3.11
N LEU B 267 37.30 27.13 -3.61
CA LEU B 267 36.41 26.13 -3.05
C LEU B 267 37.11 24.77 -2.99
N GLY B 268 37.00 24.09 -1.86
CA GLY B 268 37.67 22.84 -1.60
C GLY B 268 38.81 22.95 -0.64
N GLU B 269 39.34 24.15 -0.41
CA GLU B 269 40.47 24.34 0.47
C GLU B 269 40.01 24.49 1.92
N ARG B 270 40.98 24.41 2.82
CA ARG B 270 40.81 24.65 4.25
C ARG B 270 41.17 26.10 4.58
N ILE B 271 40.43 26.67 5.54
CA ILE B 271 40.85 27.90 6.20
C ILE B 271 41.27 27.55 7.62
N ASN B 272 42.07 28.42 8.21
CA ASN B 272 42.55 28.27 9.58
C ASN B 272 42.28 29.56 10.34
N LEU B 273 41.39 29.48 11.33
CA LEU B 273 41.09 30.58 12.23
C LEU B 273 41.96 30.46 13.47
N SER B 274 42.68 31.53 13.82
CA SER B 274 43.50 31.46 15.03
C SER B 274 43.57 32.81 15.72
N PHE B 275 43.73 32.78 17.05
CA PHE B 275 43.87 33.98 17.88
C PHE B 275 44.29 33.53 19.27
N THR B 276 44.70 34.47 20.09
CA THR B 276 45.06 34.22 21.48
C THR B 276 44.17 35.06 22.37
N LEU B 277 43.62 34.47 23.42
CA LEU B 277 42.89 35.21 24.45
C LEU B 277 43.79 35.41 25.65
N GLU B 278 43.87 36.64 26.13
CA GLU B 278 44.65 37.00 27.32
C GLU B 278 43.68 37.48 28.40
N SER B 279 43.69 36.82 29.55
CA SER B 279 42.87 37.28 30.66
C SER B 279 43.42 38.58 31.25
N THR B 280 42.51 39.51 31.53
CA THR B 280 42.85 40.73 32.27
C THR B 280 42.20 40.74 33.65
N ALA B 281 41.78 39.58 34.14
CA ALA B 281 41.03 39.46 35.37
C ALA B 281 41.91 38.87 36.46
N PRO B 282 41.62 39.18 37.73
CA PRO B 282 42.40 38.63 38.85
C PRO B 282 41.95 37.25 39.30
N ALA B 283 40.93 36.69 38.69
CA ALA B 283 40.42 35.36 39.01
C ALA B 283 40.18 34.58 37.73
N PRO B 284 40.06 33.25 37.82
CA PRO B 284 39.67 32.47 36.64
C PRO B 284 38.32 32.90 36.11
N GLN B 285 38.12 32.70 34.81
CA GLN B 285 36.85 33.02 34.13
C GLN B 285 36.39 31.85 33.28
N LYS B 286 35.10 31.50 33.39
CA LYS B 286 34.51 30.57 32.44
C LYS B 286 34.19 31.28 31.14
N LEU B 287 34.65 30.71 30.03
CA LEU B 287 34.43 31.29 28.70
C LEU B 287 33.73 30.30 27.79
N VAL B 288 32.80 30.82 27.00
CA VAL B 288 32.20 30.12 25.86
C VAL B 288 32.67 30.86 24.61
N VAL B 289 33.51 30.21 23.82
CA VAL B 289 34.13 30.81 22.64
C VAL B 289 33.57 30.10 21.42
N ASP B 290 32.87 30.84 20.58
CA ASP B 290 32.31 30.34 19.33
C ASP B 290 32.76 31.30 18.24
N TYR B 291 32.41 30.97 16.99
CA TYR B 291 32.71 31.89 15.90
C TYR B 291 31.59 31.82 14.88
N ALA B 292 31.48 32.88 14.08
CA ALA B 292 30.47 32.93 13.04
C ALA B 292 31.11 33.28 11.70
N ILE B 293 30.61 32.66 10.64
CA ILE B 293 30.97 33.03 9.27
C ILE B 293 29.75 33.69 8.67
N ASP B 294 29.93 34.89 8.12
CA ASP B 294 28.88 35.58 7.38
C ASP B 294 28.94 35.07 5.95
N TYR B 295 28.35 33.89 5.74
CA TYR B 295 28.40 33.23 4.45
C TYR B 295 27.71 34.06 3.37
N VAL B 296 28.41 34.25 2.25
CA VAL B 296 27.81 34.92 1.10
C VAL B 296 26.83 33.96 0.44
N LYS B 297 25.55 34.35 0.38
CA LYS B 297 24.55 33.50 -0.25
C LYS B 297 24.33 33.95 -1.70
N SER B 298 23.40 33.27 -2.38
CA SER B 298 23.19 33.54 -3.80
C SER B 298 22.75 34.97 -4.04
N THR B 299 22.08 35.58 -3.05
CA THR B 299 21.63 36.97 -3.12
C THR B 299 22.76 37.97 -3.01
N GLY B 300 23.94 37.52 -2.59
CA GLY B 300 25.01 38.41 -2.20
C GLY B 300 24.97 38.81 -0.74
N HIS B 301 23.91 38.47 -0.03
CA HIS B 301 23.80 38.81 1.38
C HIS B 301 24.66 37.86 2.22
N GLY B 302 25.31 38.41 3.24
CA GLY B 302 26.10 37.58 4.13
C GLY B 302 25.27 37.13 5.32
N ALA B 303 25.13 35.82 5.52
CA ALA B 303 24.21 35.28 6.52
C ALA B 303 25.01 34.54 7.59
N ALA B 304 24.96 35.06 8.82
CA ALA B 304 25.79 34.53 9.90
C ALA B 304 25.41 33.10 10.27
N LYS B 305 26.43 32.24 10.37
CA LYS B 305 26.27 30.89 10.88
C LYS B 305 27.29 30.67 11.99
N VAL B 306 26.81 30.27 13.16
CA VAL B 306 27.68 30.09 14.34
C VAL B 306 28.12 28.63 14.43
N PHE B 307 29.42 28.45 14.66
CA PHE B 307 30.04 27.16 14.95
C PHE B 307 30.68 27.20 16.34
N LYS B 308 30.67 26.05 17.00
CA LYS B 308 31.24 25.91 18.33
C LYS B 308 32.77 25.86 18.24
N LEU B 309 33.44 26.54 19.15
CA LEU B 309 34.90 26.48 19.18
C LEU B 309 35.41 25.85 20.48
N LYS B 310 35.28 26.52 21.63
CA LYS B 310 35.88 25.98 22.84
C LYS B 310 35.13 26.53 24.04
N ALA B 311 34.94 25.70 25.05
CA ALA B 311 34.34 26.14 26.32
C ALA B 311 35.31 25.72 27.40
N PHE B 312 35.82 26.69 28.16
CA PHE B 312 36.91 26.39 29.08
C PHE B 312 37.05 27.51 30.09
N SER B 313 37.86 27.24 31.13
CA SER B 313 38.18 28.23 32.14
C SER B 313 39.56 28.82 31.86
N LEU B 314 39.63 30.14 31.77
CA LEU B 314 40.89 30.84 31.53
C LEU B 314 41.40 31.40 32.84
N GLY B 315 42.61 31.00 33.22
CA GLY B 315 43.18 31.45 34.48
C GLY B 315 43.43 32.95 34.52
N ALA B 316 43.57 33.45 35.75
CA ALA B 316 43.81 34.88 35.96
C ALA B 316 45.09 35.31 35.28
N GLY B 317 45.01 36.32 34.43
CA GLY B 317 46.14 36.79 33.67
C GLY B 317 46.71 35.81 32.67
N ALA B 318 46.09 34.65 32.47
CA ALA B 318 46.65 33.65 31.58
C ALA B 318 46.31 33.95 30.13
N GLN B 319 47.07 33.34 29.22
CA GLN B 319 46.84 33.44 27.78
C GLN B 319 46.60 32.05 27.23
N GLN B 320 45.70 31.94 26.26
CA GLN B 320 45.38 30.65 25.65
C GLN B 320 45.30 30.82 24.13
N HIS B 321 46.14 30.10 23.40
CA HIS B 321 46.02 30.03 21.96
C HIS B 321 44.79 29.23 21.58
N ILE B 322 44.07 29.69 20.55
CA ILE B 322 42.89 29.01 20.02
C ILE B 322 43.04 28.90 18.50
N ARG B 323 42.70 27.74 17.95
CA ARG B 323 42.88 27.53 16.53
C ARG B 323 41.83 26.53 16.04
N ARG B 324 41.30 26.78 14.86
CA ARG B 324 40.31 25.89 14.25
C ARG B 324 40.47 25.88 12.73
N GLU B 325 40.65 24.69 12.17
CA GLU B 325 40.66 24.49 10.73
C GLU B 325 39.24 24.16 10.28
N GLN B 326 38.84 24.67 9.12
CA GLN B 326 37.53 24.38 8.56
C GLN B 326 37.68 24.16 7.06
N HIS B 327 37.03 23.12 6.55
CA HIS B 327 37.12 22.69 5.15
C HIS B 327 35.95 23.31 4.40
N ILE B 328 36.25 24.27 3.54
CA ILE B 328 35.24 25.05 2.84
C ILE B 328 35.01 24.40 1.49
N ARG B 329 33.90 23.68 1.34
CA ARG B 329 33.60 23.00 0.10
C ARG B 329 32.08 22.87 0.00
N ASP B 330 31.58 22.84 -1.24
CA ASP B 330 30.14 22.66 -1.42
C ASP B 330 29.70 21.31 -0.87
N MET B 331 28.55 21.35 -0.20
CA MET B 331 27.99 20.24 0.55
C MET B 331 26.50 20.21 0.27
N THR B 332 25.87 19.06 0.54
CA THR B 332 24.43 18.99 0.40
C THR B 332 23.74 20.10 1.18
N THR B 333 24.21 20.39 2.40
CA THR B 333 23.52 21.33 3.26
C THR B 333 23.96 22.77 3.07
N ARG B 334 25.01 23.04 2.27
CA ARG B 334 25.46 24.42 2.12
C ARG B 334 26.22 24.58 0.81
N LYS B 335 25.70 25.44 -0.06
CA LYS B 335 26.37 25.90 -1.27
C LYS B 335 27.03 27.25 -1.00
N HIS B 336 28.18 27.48 -1.64
CA HIS B 336 29.00 28.65 -1.37
C HIS B 336 29.08 29.55 -2.60
N TYR B 337 29.28 30.84 -2.35
CA TYR B 337 29.28 31.86 -3.38
C TYR B 337 30.48 32.78 -3.17
N PRO B 338 30.98 33.40 -4.24
CA PRO B 338 32.27 34.11 -4.13
C PRO B 338 32.20 35.39 -3.32
N GLY B 339 33.33 35.76 -2.74
CA GLY B 339 33.50 37.08 -2.18
C GLY B 339 34.00 37.03 -0.76
N ARG B 340 33.87 38.18 -0.09
CA ARG B 340 34.42 38.33 1.25
C ARG B 340 33.58 37.58 2.27
N HIS B 341 34.22 36.66 2.97
CA HIS B 341 33.61 35.91 4.07
C HIS B 341 34.21 36.41 5.38
N VAL B 342 33.44 37.22 6.10
CA VAL B 342 33.89 37.74 7.38
C VAL B 342 33.64 36.71 8.46
N VAL B 343 34.60 36.60 9.39
CA VAL B 343 34.57 35.64 10.47
C VAL B 343 34.65 36.40 11.79
N HIS B 344 33.66 36.18 12.65
CA HIS B 344 33.57 36.85 13.94
C HIS B 344 33.89 35.89 15.06
N VAL B 345 34.68 36.36 16.03
CA VAL B 345 34.98 35.62 17.23
C VAL B 345 34.02 36.08 18.32
N LEU B 346 33.31 35.12 18.92
CA LEU B 346 32.29 35.37 19.94
C LEU B 346 32.77 34.80 21.28
N VAL B 347 32.81 35.65 22.30
CA VAL B 347 33.20 35.22 23.64
C VAL B 347 32.15 35.67 24.63
N ASN B 348 31.58 34.70 25.35
CA ASN B 348 30.45 34.95 26.25
C ASN B 348 29.38 35.85 25.58
N GLY B 349 29.12 35.55 24.32
CA GLY B 349 28.06 36.22 23.59
C GLY B 349 28.41 37.56 22.99
N GLU B 350 29.66 38.00 23.09
CA GLU B 350 30.09 39.31 22.61
C GLU B 350 31.04 39.13 21.43
N ARG B 351 30.83 39.89 20.36
CA ARG B 351 31.78 39.90 19.24
C ARG B 351 33.04 40.65 19.66
N LEU B 352 34.14 39.93 19.78
CA LEU B 352 35.40 40.50 20.25
C LEU B 352 36.32 40.96 19.12
N GLY B 353 36.17 40.42 17.92
CA GLY B 353 36.93 40.89 16.78
C GLY B 353 36.51 40.09 15.56
N SER B 354 37.04 40.50 14.42
CA SER B 354 36.67 39.88 13.15
C SER B 354 37.93 39.63 12.32
N ALA B 355 37.90 38.56 11.54
CA ALA B 355 38.91 38.27 10.53
C ALA B 355 38.18 38.02 9.22
N GLU B 356 38.87 37.51 8.20
CA GLU B 356 38.15 37.30 6.94
C GLU B 356 38.96 36.43 6.00
N PHE B 357 38.24 35.85 5.04
CA PHE B 357 38.89 35.26 3.88
C PHE B 357 38.05 35.56 2.65
N GLU B 358 38.71 35.56 1.50
CA GLU B 358 38.06 35.70 0.20
C GLU B 358 37.89 34.33 -0.42
N LEU B 359 36.67 34.05 -0.87
CA LEU B 359 36.37 32.85 -1.66
C LEU B 359 36.36 33.22 -3.14
N ARG B 360 37.26 32.63 -3.91
CA ARG B 360 37.40 33.01 -5.32
C ARG B 360 36.24 32.49 -6.15
N ALA B 361 35.91 33.23 -7.20
CA ALA B 361 34.89 32.82 -8.16
C ALA B 361 35.39 31.66 -9.01
P NRI C 7 -18.07 -16.74 -17.33
O1P NRI C 7 -18.84 -16.80 -18.61
O2P NRI C 7 -18.37 -17.90 -16.32
O5' NRI C 7 -18.33 -15.35 -16.62
C2' NRI C 7 -17.58 -11.00 -17.07
C5' NRI C 7 -18.59 -14.18 -17.39
C4' NRI C 7 -18.73 -13.02 -16.41
C3' NRI C 7 -18.91 -11.75 -17.21
C6' NRI C 7 -17.40 -12.85 -15.61
N1' NRI C 7 -17.03 -11.42 -15.76
O3' NRI C 7 -19.98 -10.97 -16.69
H2' NRI C 7 -16.96 -11.26 -17.80
H2'' NRI C 7 -17.73 -10.03 -17.09
H5' NRI C 7 -17.85 -14.00 -18.01
H5'' NRI C 7 -19.43 -14.28 -17.89
H4' NRI C 7 -19.48 -13.17 -15.81
H3' NRI C 7 -19.08 -11.95 -18.15
H6' NRI C 7 -17.55 -13.07 -14.66
H6'' NRI C 7 -16.70 -13.42 -15.99
HN1' NRI C 7 -16.12 -11.34 -15.77
H1'2 NRI C 7 -17.41 -10.92 -15.07
P NRI E 7 18.11 16.81 17.00
O1P NRI E 7 17.21 17.88 17.47
O2P NRI E 7 19.55 16.83 17.60
O5' NRI E 7 17.46 15.37 17.19
C2' NRI E 7 17.90 11.17 15.86
C5' NRI E 7 18.27 14.20 17.18
C4' NRI E 7 17.34 13.01 17.33
C3' NRI E 7 18.20 11.72 17.26
C6' NRI E 7 16.42 12.96 16.10
N1' NRI E 7 16.51 11.54 15.64
O3' NRI E 7 17.82 10.83 18.30
H2' NRI E 7 18.49 11.59 15.19
H2'' NRI E 7 18.01 10.19 15.84
H5' NRI E 7 18.91 14.22 17.92
H5'' NRI E 7 18.75 14.13 16.32
H4' NRI E 7 16.83 13.05 18.16
H3' NRI E 7 19.16 11.95 17.34
H6' NRI E 7 15.49 13.18 16.36
H6'' NRI E 7 16.73 13.58 15.40
HN1' NRI E 7 16.32 11.51 14.74
H1'2 NRI E 7 15.93 11.00 16.12
C1 GOL G . -11.92 -18.43 -12.27
O1 GOL G . -11.33 -17.91 -13.45
C2 GOL G . -10.91 -19.28 -11.48
O2 GOL G . -11.52 -19.84 -10.32
C3 GOL G . -10.39 -20.42 -12.35
O3 GOL G . -9.28 -20.96 -11.66
H11 GOL G . -12.27 -17.61 -11.64
H12 GOL G . -12.77 -19.05 -12.54
HO1 GOL G . -12.00 -17.42 -13.96
H2 GOL G . -10.07 -18.65 -11.18
HO2 GOL G . -12.26 -20.44 -10.59
H31 GOL G . -11.16 -21.18 -12.48
H32 GOL G . -10.08 -20.04 -13.32
HO3 GOL G . -8.99 -21.78 -12.11
O1 MES H . -17.71 1.38 14.43
C2 MES H . -18.97 0.86 14.03
C3 MES H . -19.33 -0.42 14.77
N4 MES H . -18.22 -1.36 14.70
C5 MES H . -16.95 -0.81 15.16
C6 MES H . -16.66 0.42 14.30
C7 MES H . -18.55 -2.63 15.35
C8 MES H . -17.88 -3.82 14.66
S MES H . -18.68 -4.33 13.29
O1S MES H . -17.74 -4.94 12.33
O2S MES H . -19.39 -3.16 12.70
O3S MES H . -19.68 -5.37 13.67
H21 MES H . -19.75 1.60 14.21
H22 MES H . -18.96 0.65 12.96
H31 MES H . -19.55 -0.20 15.82
H32 MES H . -20.22 -0.88 14.34
HN4 MES H . -18.09 -1.58 13.72
H51 MES H . -17.00 -0.54 16.20
H52 MES H . -16.15 -1.55 15.02
H61 MES H . -16.57 0.12 13.25
H62 MES H . -15.71 0.87 14.62
H71 MES H . -19.64 -2.77 15.33
H72 MES H . -18.23 -2.59 16.40
H81 MES H . -16.86 -3.55 14.39
H82 MES H . -17.82 -4.65 15.37
O1 MES I . -17.10 6.54 16.63
C2 MES I . -17.06 5.23 17.19
C3 MES I . -16.03 5.16 18.32
N4 MES I . -14.74 5.60 17.81
C5 MES I . -14.75 6.90 17.13
C6 MES I . -15.84 6.91 16.07
C7 MES I . -13.68 5.56 18.81
C8 MES I . -13.19 4.13 19.01
S MES I . -11.83 4.22 19.99
O1S MES I . -10.75 4.83 19.17
O2S MES I . -12.16 5.06 21.17
O3S MES I . -11.44 2.88 20.47
H21 MES I . -16.81 4.50 16.42
H22 MES I . -18.04 4.98 17.59
H31 MES I . -15.95 4.13 18.68
H32 MES I . -16.34 5.79 19.15
HN4 MES I . -14.48 4.93 17.11
H51 MES I . -14.92 7.69 17.85
H52 MES I . -13.78 7.07 16.66
H61 MES I . -15.59 6.20 15.27
H62 MES I . -15.91 7.90 15.63
H71 MES I . -14.05 5.95 19.77
H72 MES I . -12.85 6.19 18.50
H81 MES I . -12.94 3.67 18.05
H82 MES I . -13.95 3.52 19.50
O1 MES J . 38.32 42.81 28.54
C2 MES J . 39.36 43.78 28.54
C3 MES J . 38.76 45.14 28.84
N4 MES J . 37.66 45.44 27.94
C5 MES J . 36.68 44.38 27.68
C6 MES J . 37.42 43.06 27.48
C7 MES J . 37.00 46.68 28.33
C8 MES J . 37.31 47.76 27.30
S MES J . 37.00 49.25 27.99
O1S MES J . 38.09 50.18 27.61
O2S MES J . 35.72 49.76 27.50
O3S MES J . 36.95 49.13 29.47
H21 MES J . 39.84 43.79 27.56
H22 MES J . 40.11 43.52 29.29
H31 MES J . 39.54 45.91 28.73
H32 MES J . 38.41 45.17 29.88
HN4 MES J . 38.08 45.62 27.04
H51 MES J . 35.99 44.29 28.52
H52 MES J . 36.10 44.62 26.79
H61 MES J . 37.97 43.10 26.54
H62 MES J . 36.69 42.24 27.41
H71 MES J . 37.37 46.98 29.31
H72 MES J . 35.93 46.52 28.40
H81 MES J . 36.68 47.62 26.42
H82 MES J . 38.35 47.69 26.99
NA NA K . -12.63 -7.75 -26.74
C01 9B4 L . -8.90 -10.80 -20.66
C02 9B4 L . -10.35 -10.39 -20.40
C03 9B4 L . -10.41 -8.89 -20.21
C05 9B4 L . -11.76 -7.10 -19.61
C06 9B4 L . -13.13 -6.48 -19.84
C07 9B4 L . -14.21 -7.26 -19.10
C09 9B4 L . -14.91 -7.99 -17.00
C10 9B4 L . -15.17 -7.39 -15.62
C12 9B4 L . -15.89 -5.39 -14.54
C13 9B4 L . -16.80 -4.18 -14.76
C15 9B4 L . -16.60 -3.18 -13.62
C16 9B4 L . -13.85 -7.36 -14.87
C17 9B4 L . -13.51 -6.48 -21.33
C23 9B4 L . -13.01 -5.07 -19.25
C25 9B4 L . -13.54 -3.12 -20.32
C26 9B4 L . -14.44 -1.89 -20.23
C27 9B4 L . -15.59 -2.10 -19.25
C34 9B4 L . -11.84 -11.95 -19.42
C35 9B4 L . -12.97 -11.71 -18.42
C37 9B4 L . -13.77 -13.02 -18.31
O04 9B4 L . -11.73 -8.47 -19.94
O08 9B4 L . -13.99 -7.22 -17.73
O11 9B4 L . -15.71 -6.10 -15.75
O14 9B4 L . -16.47 -3.55 -15.97
O18 9B4 L . -12.52 -5.95 -22.17
O24 9B4 L . -14.05 -4.23 -19.62
O28 9B4 L . -13.61 -0.85 -19.80
O33 9B4 L . -10.85 -10.98 -19.24
O36 9B4 L . -12.43 -11.35 -17.18
H013 9B4 L . -8.85 -11.76 -20.80
H012 9B4 L . -8.36 -10.56 -19.88
H011 9B4 L . -8.56 -10.33 -21.44
H021 9B4 L . -10.90 -10.64 -21.15
H032 9B4 L . -10.11 -8.45 -21.02
H031 9B4 L . -9.84 -8.62 -19.47
H051 9B4 L . -11.10 -6.64 -20.15
H052 9B4 L . -11.52 -7.01 -18.67
H072 9B4 L . -15.07 -6.87 -19.31
H071 9B4 L . -14.19 -8.18 -19.39
H092 9B4 L . -14.54 -8.89 -16.89
H091 9B4 L . -15.74 -8.05 -17.49
H101 9B4 L . -15.80 -7.96 -15.14
H121 9B4 L . -15.02 -5.10 -14.22
H122 9B4 L . -16.29 -5.98 -13.89
H131 9B4 L . -17.72 -4.46 -14.78
H151 9B4 L . -16.71 -3.63 -12.77
H153 9B4 L . -17.25 -2.46 -13.70
H152 9B4 L . -15.71 -2.80 -13.67
H162 9B4 L . -13.32 -6.60 -15.18
H161 9B4 L . -13.36 -8.18 -15.05
H163 9B4 L . -14.01 -7.27 -13.92
H172 9B4 L . -14.33 -5.96 -21.44
H171 9B4 L . -13.69 -7.40 -21.60
H231 9B4 L . -12.17 -4.68 -19.53
H232 9B4 L . -13.00 -5.14 -18.27
H251 9B4 L . -13.44 -3.36 -21.26
H252 9B4 L . -12.67 -2.89 -19.97
H261 9B4 L . -14.78 -1.68 -21.11
H273 9B4 L . -15.28 -2.56 -18.46
H271 9B4 L . -16.29 -2.62 -19.67
H272 9B4 L . -15.95 -1.23 -18.99
H341 9B4 L . -12.19 -11.89 -20.31
H342 9B4 L . -11.46 -12.83 -19.27
H351 9B4 L . -13.54 -11.01 -18.74
H371 9B4 L . -13.28 -13.66 -17.79
H373 9B4 L . -13.92 -13.38 -19.21
H372 9B4 L . -14.62 -12.84 -17.89
H141 9B4 L . -16.37 -2.71 -15.84
H361 9B4 L . -12.93 -11.64 -16.56
NA NA M . 27.15 8.69 9.66
C1 GOL N . 12.18 18.91 11.60
O1 GOL N . 13.35 18.53 10.89
C2 GOL N . 11.35 19.91 10.80
O2 GOL N . 10.30 20.38 11.64
C3 GOL N . 12.22 21.02 10.26
O3 GOL N . 11.44 21.92 9.48
H11 GOL N . 11.59 18.02 11.82
H12 GOL N . 12.48 19.36 12.55
HO1 GOL N . 13.90 17.94 11.45
H2 GOL N . 10.92 19.37 9.95
HO2 GOL N . 10.68 20.86 12.39
H31 GOL N . 12.68 21.57 11.09
H32 GOL N . 13.02 20.61 9.64
HO3 GOL N . 11.38 21.58 8.57
C01 9B4 O . 20.42 11.93 7.06
C02 9B4 O . 20.39 11.38 8.49
C03 9B4 O . 20.21 9.87 8.41
C05 9B4 O . 19.94 7.96 9.62
C06 9B4 O . 20.37 7.22 10.87
C07 9B4 O . 19.65 7.77 12.11
C09 9B4 O . 17.60 8.40 13.07
C10 9B4 O . 16.32 7.67 13.51
C12 9B4 O . 15.39 5.54 14.15
C13 9B4 O . 15.78 4.31 14.98
C15 9B4 O . 14.61 3.35 15.15
C16 9B4 O . 15.27 7.84 12.45
C17 9B4 O . 21.89 7.29 11.06
C23 9B4 O . 19.90 5.81 10.62
C25 9B4 O . 20.14 3.62 11.27
C26 9B4 O . 20.74 2.70 12.32
C27 9B4 O . 19.83 2.64 13.55
C34 9B4 O . 19.61 12.73 10.32
C35 9B4 O . 18.70 12.35 11.49
C37 9B4 O . 18.63 13.54 12.45
O04 9B4 O . 20.28 9.31 9.69
O08 9B4 O . 18.25 7.84 11.94
O11 9B4 O . 16.52 6.30 13.79
O14 9B4 O . 16.81 3.59 14.38
O18 9B4 O . 22.55 6.78 9.94
O24 9B4 O . 20.24 4.96 11.67
O28 9B4 O . 20.87 1.43 11.74
O33 9B4 O . 19.32 11.94 9.21
O36 9B4 O . 17.42 12.02 11.02
H013 9B4 O . 20.51 12.90 7.09
H012 9B4 O . 19.60 11.69 6.60
H011 9B4 O . 21.17 11.54 6.59
H021 9B4 O . 21.22 11.59 8.94
H032 9B4 O . 20.91 9.50 7.86
H031 9B4 O . 19.34 9.67 8.02
H051 9B4 O . 20.38 7.56 8.85
H052 9B4 O . 18.97 7.89 9.52
H072 9B4 O . 19.85 7.21 12.86
H071 9B4 O . 19.99 8.67 12.29
H092 9B4 O . 17.38 9.32 12.86
H091 9B4 O . 18.23 8.40 13.81
H101 9B4 O . 16.00 8.10 14.33
H121 9B4 O . 14.93 5.25 13.35
H122 9B4 O . 14.79 6.10 14.67
H131 9B4 O . 16.08 4.60 15.86
H151 9B4 O . 14.76 2.55 14.62
H153 9B4 O . 13.79 3.79 14.85
H152 9B4 O . 14.52 3.11 16.09
H162 9B4 O . 15.35 7.14 11.79
H161 9B4 O . 15.37 8.71 12.01
H163 9B4 O . 14.38 7.80 12.84
H172 9B4 O . 22.13 6.76 11.85
H171 9B4 O . 22.16 8.22 11.21
H231 9B4 O . 20.32 5.49 9.81
H232 9B4 O . 18.93 5.81 10.50
H251 9B4 O . 20.61 3.51 10.43
H252 9B4 O . 19.20 3.40 11.14
H261 9B4 O . 21.62 3.03 12.57
H273 9B4 O . 18.92 2.79 13.29
H271 9B4 O . 20.10 3.32 14.18
H272 9B4 O . 19.91 1.76 13.96
H341 9B4 O . 20.53 12.60 10.58
H342 9B4 O . 19.47 13.66 10.10
H351 9B4 O . 19.07 11.59 11.96
H371 9B4 O . 18.08 14.24 12.05
H373 9B4 O . 19.51 13.88 12.60
H372 9B4 O . 18.23 13.26 13.29
H141 9B4 O . 17.28 3.20 14.97
H361 9B4 O . 17.44 11.24 10.67
#